data_5GQR
#
_entry.id   5GQR
#
_cell.length_a   162.422
_cell.length_b   162.422
_cell.length_c   187.234
_cell.angle_alpha   90.00
_cell.angle_beta   90.00
_cell.angle_gamma   120.00
#
_symmetry.space_group_name_H-M   'P 62 2 2'
#
loop_
_entity.id
_entity.type
_entity.pdbx_description
1 polymer 'Leucine-rich repeat receptor-like protein kinase TDR'
2 polymer TDIF
3 polymer 'Somatic embryogenesis receptor kinase 2'
4 non-polymer 2-acetamido-2-deoxy-beta-D-glucopyranose
#
loop_
_entity_poly.entity_id
_entity_poly.type
_entity_poly.pdbx_seq_one_letter_code
_entity_poly.pdbx_strand_id
1 'polypeptide(L)'
;FSPQLLSLLSLKTSLSGPPSAFQDWKVPVNGQNDAVWCSWSGVVCDNVTAQVISLDLSHRNLSGRIPIQIRYLSSLLYLN
LSGNSLEGSFPTSIFDLTKLTTLDISRNSFDSSFPPGISKLKFLKVFNAFSNNFEGLLPSDVSRLRFLEELNFGGSYFEG
EIPAAYGGLQRLKFIHLAGNVLGGKLPPRLGLLTELQHMEIGYNHFNGNIPSEFALLSNLKYFDVSNCSLSGSLPQELGN
LSNLETLFLFQNGFTGEIPESYSNLKSLKLLDFSSNQLSGSIPSGFSTLKNLTWLSLISNNLSGEVPEGIGELPELTTLF
LWNNNFTGVLPHKLGSNGKLETMDVSNNSFTGTIPSSLCHGNKLYKLILFSNMFEGELPKSLTRCESLWRFRSQNNRLNG
TIPIGFGSLRNLTFVDLSNNRFTDQIPADFATAPVLQYLNLSTNFFHRKLPENIWKAPNLQIFSASFSNLIGEIPNYVGC
KSFYRIELQGNSLNGTIPWDIGHCEKLLCLNLSQNHLNGIIPWEISTLPSIADVDLSHNLLTGTIPSDFGSSKTITTFNV
SYNQLIGPIPSGSFAHLNPSFFSSNEGLCGDLVGKPCN
;
B
2 'polypeptide(L)' HEVPSG(HYP)NPISN C
3 'polypeptide(L)'
;NMEGDALHSLRANLVDPNNVLQSWDPTLVNPCTWFHVTCNNENSVIRVDLGNADLSGQLVPQLGQLKNLQYLELYSNNIT
GPVPSDLGNLTNLVSLDLYLNSFTGPIPDSLGKLFKLRFLRLNNNSLTGPIPMSLTNIMTLQVLDLSNNRLSGSVPDNGS
FSLFTPISFANNLDLCGPVTSRPCP
;
K
#
# COMPACT_ATOMS: atom_id res chain seq x y z
N PHE A 1 -36.99 28.07 36.42
CA PHE A 1 -35.76 27.59 37.04
C PHE A 1 -34.56 28.36 36.48
N SER A 2 -33.37 28.01 36.95
CA SER A 2 -32.13 28.75 36.68
C SER A 2 -31.78 28.77 35.21
N PRO A 3 -31.17 29.89 34.74
CA PRO A 3 -30.73 30.03 33.33
C PRO A 3 -29.73 28.96 32.95
N GLN A 4 -28.97 28.51 33.93
CA GLN A 4 -28.10 27.36 33.76
C GLN A 4 -28.93 26.21 33.27
N LEU A 5 -30.10 26.01 33.90
CA LEU A 5 -30.98 24.88 33.59
C LEU A 5 -31.68 25.03 32.24
N LEU A 6 -32.15 26.24 31.95
CA LEU A 6 -32.77 26.54 30.66
C LEU A 6 -31.74 26.29 29.59
N SER A 7 -30.50 26.64 29.91
CA SER A 7 -29.36 26.51 29.01
C SER A 7 -29.01 25.05 28.70
N LEU A 8 -28.79 24.27 29.74
CA LEU A 8 -28.44 22.87 29.60
C LEU A 8 -29.56 22.09 28.93
N LEU A 9 -30.80 22.42 29.32
CA LEU A 9 -31.96 21.75 28.75
C LEU A 9 -32.08 22.06 27.27
N SER A 10 -31.94 23.34 26.93
CA SER A 10 -32.01 23.81 25.54
C SER A 10 -30.89 23.22 24.69
N LEU A 11 -29.76 22.99 25.35
CA LEU A 11 -28.62 22.36 24.71
C LEU A 11 -28.89 20.89 24.45
N LYS A 12 -29.54 20.25 25.43
CA LYS A 12 -29.97 18.84 25.36
C LYS A 12 -30.83 18.62 24.16
N THR A 13 -31.89 19.42 24.06
CA THR A 13 -32.92 19.23 23.05
C THR A 13 -32.52 19.75 21.66
N SER A 14 -31.67 20.76 21.60
CA SER A 14 -31.26 21.32 20.30
C SER A 14 -30.26 20.43 19.57
N LEU A 15 -29.60 19.56 20.30
CA LEU A 15 -28.65 18.64 19.70
C LEU A 15 -29.28 17.29 19.45
N SER A 16 -29.44 16.96 18.19
CA SER A 16 -30.04 15.70 17.88
C SER A 16 -28.98 14.63 18.05
N GLY A 17 -29.21 13.71 18.98
CA GLY A 17 -28.33 12.57 19.16
C GLY A 17 -29.08 11.38 19.71
N PRO A 18 -28.49 10.18 19.59
CA PRO A 18 -29.01 8.98 20.25
C PRO A 18 -29.29 9.24 21.74
N PRO A 19 -30.48 8.87 22.23
CA PRO A 19 -30.96 9.17 23.59
C PRO A 19 -30.03 8.66 24.67
N SER A 20 -29.17 7.71 24.31
CA SER A 20 -28.11 7.25 25.19
C SER A 20 -27.26 8.43 25.65
N ALA A 21 -27.09 9.42 24.77
CA ALA A 21 -26.24 10.59 25.01
C ALA A 21 -26.71 11.48 26.18
N PHE A 22 -27.97 11.86 26.19
CA PHE A 22 -28.51 12.74 27.22
C PHE A 22 -29.24 12.08 28.40
N GLN A 23 -29.10 10.76 28.48
CA GLN A 23 -29.93 9.90 29.32
C GLN A 23 -30.19 10.39 30.74
N ASP A 24 -29.23 11.07 31.35
CA ASP A 24 -29.41 11.46 32.75
C ASP A 24 -29.91 12.87 33.05
N TRP A 25 -30.29 13.62 32.02
CA TRP A 25 -30.49 15.05 32.20
C TRP A 25 -31.88 15.52 32.63
N LYS A 26 -32.79 14.62 32.95
CA LYS A 26 -34.12 15.12 33.30
C LYS A 26 -34.16 15.86 34.64
N VAL A 27 -35.07 16.84 34.73
CA VAL A 27 -35.28 17.65 35.94
C VAL A 27 -36.53 17.27 36.76
N PRO A 28 -36.38 17.11 38.09
CA PRO A 28 -37.51 16.85 39.00
C PRO A 28 -38.65 17.85 38.86
N ASP A 34 -33.47 21.87 42.49
CA ASP A 34 -32.58 22.82 43.14
C ASP A 34 -31.12 22.41 42.94
N ALA A 35 -30.40 23.19 42.13
CA ALA A 35 -29.02 22.90 41.76
C ALA A 35 -28.90 21.51 41.16
N VAL A 36 -29.98 21.04 40.55
CA VAL A 36 -30.09 19.68 40.05
C VAL A 36 -29.11 19.40 38.91
N TRP A 37 -29.09 20.30 37.95
CA TRP A 37 -28.38 20.11 36.70
C TRP A 37 -26.90 19.84 36.90
N CYS A 38 -26.38 20.22 38.06
CA CYS A 38 -24.96 20.03 38.38
C CYS A 38 -24.57 18.58 38.54
N SER A 39 -25.56 17.69 38.61
CA SER A 39 -25.27 16.28 38.73
C SER A 39 -24.94 15.70 37.39
N TRP A 40 -25.46 16.34 36.35
CA TRP A 40 -25.60 15.71 35.05
C TRP A 40 -24.30 15.28 34.46
N SER A 41 -24.39 14.35 33.51
CA SER A 41 -23.21 13.77 32.88
C SER A 41 -22.63 14.68 31.83
N GLY A 42 -21.40 15.11 32.06
CA GLY A 42 -20.70 16.01 31.16
C GLY A 42 -20.62 17.38 31.79
N VAL A 43 -21.49 17.59 32.78
CA VAL A 43 -21.56 18.87 33.46
C VAL A 43 -20.72 18.84 34.73
N VAL A 44 -19.99 19.92 34.99
CA VAL A 44 -19.27 20.11 36.24
C VAL A 44 -19.57 21.51 36.73
N CYS A 45 -19.95 21.67 37.98
CA CYS A 45 -20.32 22.99 38.46
C CYS A 45 -19.34 23.47 39.50
N ASP A 46 -19.28 24.78 39.66
CA ASP A 46 -18.39 25.37 40.63
C ASP A 46 -19.08 25.27 41.99
N ASN A 47 -18.49 24.53 42.92
CA ASN A 47 -19.21 24.05 44.10
C ASN A 47 -19.86 25.14 44.99
N VAL A 48 -19.37 26.37 44.91
CA VAL A 48 -20.02 27.46 45.62
C VAL A 48 -21.24 27.99 44.86
N THR A 49 -21.05 28.21 43.56
CA THR A 49 -21.98 28.99 42.76
C THR A 49 -23.00 28.22 41.91
N ALA A 50 -22.88 26.90 41.87
CA ALA A 50 -23.78 26.07 41.06
C ALA A 50 -23.68 26.29 39.55
N GLN A 51 -22.82 27.23 39.13
CA GLN A 51 -22.70 27.60 37.72
C GLN A 51 -21.85 26.57 36.97
N VAL A 52 -22.16 26.36 35.69
CA VAL A 52 -21.61 25.20 35.02
C VAL A 52 -20.29 25.63 34.42
N ILE A 53 -19.20 25.16 35.02
CA ILE A 53 -17.88 25.57 34.60
C ILE A 53 -17.21 24.63 33.62
N SER A 54 -17.77 23.44 33.42
CA SER A 54 -17.15 22.52 32.47
C SER A 54 -18.20 21.71 31.75
N LEU A 55 -18.11 21.70 30.42
CA LEU A 55 -19.03 20.91 29.64
C LEU A 55 -18.27 20.08 28.64
N ASP A 56 -18.24 18.78 28.85
CA ASP A 56 -17.57 17.92 27.88
C ASP A 56 -18.60 16.99 27.29
N LEU A 57 -18.85 17.14 26.00
CA LEU A 57 -19.61 16.13 25.29
C LEU A 57 -19.01 15.82 23.92
N SER A 58 -18.47 14.63 23.75
CA SER A 58 -17.73 14.35 22.53
C SER A 58 -17.82 12.87 22.19
N HIS A 59 -17.66 12.54 20.92
CA HIS A 59 -17.84 11.17 20.46
C HIS A 59 -19.21 10.67 20.88
N ARG A 60 -20.16 11.60 20.94
CA ARG A 60 -21.53 11.31 21.32
C ARG A 60 -22.38 10.98 20.10
N ASN A 61 -21.76 10.88 18.92
CA ASN A 61 -22.46 10.66 17.66
C ASN A 61 -23.55 11.73 17.49
N LEU A 62 -23.30 12.92 18.05
CA LEU A 62 -24.30 13.99 18.12
C LEU A 62 -24.12 15.13 17.09
N SER A 63 -25.17 15.33 16.28
CA SER A 63 -25.16 16.28 15.18
C SER A 63 -26.27 17.27 15.37
N GLY A 64 -26.18 18.41 14.69
CA GLY A 64 -27.21 19.41 14.86
C GLY A 64 -26.69 20.83 14.84
N ARG A 65 -27.53 21.73 15.36
CA ARG A 65 -27.20 23.13 15.51
C ARG A 65 -26.85 23.34 16.96
N ILE A 66 -25.89 24.22 17.18
CA ILE A 66 -25.46 24.54 18.54
C ILE A 66 -26.23 25.79 19.07
N PRO A 67 -27.04 25.59 20.14
CA PRO A 67 -28.08 26.47 20.67
C PRO A 67 -27.60 27.87 20.88
N ILE A 68 -28.53 28.81 20.87
CA ILE A 68 -28.20 30.18 21.13
C ILE A 68 -28.48 30.48 22.58
N GLN A 69 -28.97 29.49 23.31
CA GLN A 69 -29.22 29.68 24.72
C GLN A 69 -28.02 29.33 25.59
N ILE A 70 -26.88 29.07 24.94
CA ILE A 70 -25.57 29.09 25.62
C ILE A 70 -25.23 30.56 25.91
N ARG A 71 -24.10 30.79 26.57
CA ARG A 71 -23.73 32.10 27.11
C ARG A 71 -24.67 32.49 28.24
N TYR A 72 -25.69 31.65 28.41
CA TYR A 72 -26.51 31.67 29.60
C TYR A 72 -25.73 31.01 30.74
N LEU A 73 -24.80 30.10 30.43
CA LEU A 73 -23.90 29.64 31.48
C LEU A 73 -22.61 30.43 31.27
N SER A 74 -22.49 31.48 32.07
CA SER A 74 -21.50 32.49 31.83
C SER A 74 -20.15 32.05 32.37
N SER A 75 -20.12 31.56 33.61
CA SER A 75 -18.84 31.13 34.11
C SER A 75 -18.79 29.71 33.66
N LEU A 76 -18.08 29.52 32.56
CA LEU A 76 -17.85 28.23 31.96
C LEU A 76 -16.41 28.29 31.48
N LEU A 77 -15.55 27.41 32.00
CA LEU A 77 -14.16 27.48 31.61
C LEU A 77 -13.74 26.42 30.59
N TYR A 78 -14.62 25.49 30.28
CA TYR A 78 -14.20 24.38 29.43
C TYR A 78 -15.31 23.95 28.51
N LEU A 79 -15.00 23.84 27.23
CA LEU A 79 -15.98 23.32 26.27
C LEU A 79 -15.34 22.35 25.31
N ASN A 80 -15.78 21.11 25.34
CA ASN A 80 -15.21 20.12 24.45
C ASN A 80 -16.33 19.48 23.67
N LEU A 81 -16.31 19.63 22.34
CA LEU A 81 -17.17 18.86 21.45
C LEU A 81 -16.35 18.22 20.32
N SER A 82 -16.11 16.91 20.36
CA SER A 82 -15.23 16.25 19.39
C SER A 82 -15.82 15.05 18.61
N GLY A 83 -15.51 15.00 17.32
CA GLY A 83 -15.76 13.82 16.51
C GLY A 83 -17.21 13.73 16.08
N ASN A 84 -18.04 14.43 16.83
CA ASN A 84 -19.45 14.55 16.54
C ASN A 84 -19.57 15.24 15.21
N SER A 85 -20.30 14.66 14.27
CA SER A 85 -20.30 15.27 12.96
C SER A 85 -21.43 16.29 12.96
N LEU A 86 -21.07 17.56 12.97
CA LEU A 86 -22.02 18.66 12.89
C LEU A 86 -21.40 19.81 12.11
N GLU A 87 -22.16 20.36 11.19
CA GLU A 87 -21.59 21.31 10.25
C GLU A 87 -22.35 22.60 10.44
N GLY A 88 -21.76 23.69 9.96
CA GLY A 88 -22.39 25.00 9.97
C GLY A 88 -21.34 26.00 9.61
N SER A 89 -21.69 27.27 9.70
CA SER A 89 -20.69 28.29 9.88
C SER A 89 -20.52 28.15 11.36
N PHE A 90 -19.29 28.35 11.84
CA PHE A 90 -19.07 28.28 13.27
C PHE A 90 -19.92 29.34 13.96
N PRO A 91 -20.54 29.00 15.10
CA PRO A 91 -21.32 29.94 15.92
C PRO A 91 -20.47 31.05 16.48
N THR A 92 -20.94 32.30 16.37
CA THR A 92 -20.19 33.42 16.91
C THR A 92 -20.61 33.58 18.34
N SER A 93 -21.64 32.81 18.69
CA SER A 93 -22.23 32.84 20.02
C SER A 93 -21.22 32.41 21.08
N ILE A 94 -20.44 31.41 20.74
CA ILE A 94 -19.47 30.82 21.65
C ILE A 94 -18.40 31.82 22.08
N PHE A 95 -18.11 32.80 21.21
CA PHE A 95 -17.12 33.82 21.50
C PHE A 95 -17.59 34.67 22.66
N ASP A 96 -18.88 34.64 22.95
CA ASP A 96 -19.38 35.47 24.01
C ASP A 96 -19.44 34.76 25.34
N LEU A 97 -18.85 33.56 25.38
CA LEU A 97 -18.63 32.83 26.63
C LEU A 97 -17.55 33.47 27.53
N THR A 98 -16.35 33.69 26.99
CA THR A 98 -15.35 34.61 27.56
C THR A 98 -14.68 34.27 28.90
N LYS A 99 -15.20 33.36 29.71
CA LYS A 99 -14.39 32.94 30.84
C LYS A 99 -13.71 31.65 30.46
N LEU A 100 -14.06 31.15 29.27
CA LEU A 100 -13.45 29.95 28.73
C LEU A 100 -11.94 30.10 28.76
N THR A 101 -11.26 29.12 29.34
CA THR A 101 -9.85 28.96 29.06
C THR A 101 -9.58 27.87 28.01
N THR A 102 -10.56 27.02 27.73
CA THR A 102 -10.32 25.86 26.85
C THR A 102 -11.46 25.50 25.87
N LEU A 103 -11.16 25.38 24.59
CA LEU A 103 -12.22 25.07 23.65
C LEU A 103 -11.85 24.05 22.58
N ASP A 104 -12.47 22.89 22.58
CA ASP A 104 -12.13 21.95 21.54
C ASP A 104 -13.36 21.73 20.67
N ILE A 105 -13.31 22.24 19.44
CA ILE A 105 -14.33 21.96 18.43
C ILE A 105 -13.93 20.89 17.40
N SER A 106 -12.87 20.14 17.70
CA SER A 106 -12.22 19.27 16.71
C SER A 106 -12.93 18.02 16.18
N ARG A 107 -12.54 17.62 14.97
CA ARG A 107 -13.03 16.43 14.27
C ARG A 107 -14.49 16.48 13.81
N ASN A 108 -14.99 17.68 13.58
CA ASN A 108 -16.40 17.86 13.29
C ASN A 108 -16.55 18.38 11.86
N SER A 109 -17.75 18.76 11.46
CA SER A 109 -17.95 19.21 10.09
C SER A 109 -18.03 20.73 9.77
N PHE A 110 -17.79 21.60 10.75
CA PHE A 110 -18.02 23.06 10.59
C PHE A 110 -17.41 23.60 9.30
N ASP A 111 -18.08 24.53 8.62
CA ASP A 111 -17.54 25.01 7.36
C ASP A 111 -17.65 26.51 7.10
N SER A 112 -17.40 26.88 5.86
CA SER A 112 -17.41 28.24 5.38
C SER A 112 -16.31 28.97 6.10
N SER A 113 -16.57 30.20 6.53
CA SER A 113 -15.48 30.93 7.08
C SER A 113 -15.42 30.79 8.57
N PHE A 114 -14.35 31.34 9.12
CA PHE A 114 -14.25 31.42 10.54
C PHE A 114 -14.59 32.81 11.04
N PRO A 115 -15.70 32.91 11.76
CA PRO A 115 -16.29 34.14 12.30
C PRO A 115 -15.26 34.94 13.06
N PRO A 116 -15.33 36.26 12.95
CA PRO A 116 -14.26 37.14 13.39
C PRO A 116 -14.11 37.25 14.90
N GLY A 117 -15.17 37.10 15.70
CA GLY A 117 -15.17 37.56 17.09
C GLY A 117 -14.29 36.87 18.13
N ILE A 118 -13.42 35.97 17.66
CA ILE A 118 -12.66 35.05 18.50
C ILE A 118 -11.74 35.69 19.55
N SER A 119 -11.27 36.89 19.30
CA SER A 119 -10.35 37.52 20.25
C SER A 119 -11.07 37.89 21.53
N LYS A 120 -12.40 37.80 21.52
CA LYS A 120 -13.19 38.19 22.69
C LYS A 120 -12.95 37.26 23.90
N LEU A 121 -12.53 36.02 23.64
CA LEU A 121 -12.20 35.04 24.68
C LEU A 121 -11.06 35.50 25.61
N LYS A 122 -9.87 35.65 25.05
CA LYS A 122 -8.76 36.43 25.62
C LYS A 122 -8.05 35.82 26.80
N PHE A 123 -8.76 35.06 27.60
CA PHE A 123 -8.10 34.38 28.71
C PHE A 123 -7.87 32.98 28.23
N LEU A 124 -8.30 32.78 26.97
CA LEU A 124 -8.24 31.49 26.31
C LEU A 124 -6.81 30.92 26.26
N LYS A 125 -6.68 29.66 26.65
CA LYS A 125 -5.40 28.95 26.60
C LYS A 125 -5.36 28.00 25.41
N VAL A 126 -6.28 27.04 25.38
CA VAL A 126 -6.32 25.99 24.36
C VAL A 126 -7.43 26.14 23.32
N PHE A 127 -7.10 26.22 22.04
CA PHE A 127 -8.15 26.19 21.00
C PHE A 127 -7.92 25.06 20.02
N ASN A 128 -8.82 24.07 19.99
CA ASN A 128 -8.69 23.02 18.99
C ASN A 128 -9.83 22.92 17.98
N ALA A 129 -9.54 23.39 16.77
CA ALA A 129 -10.45 23.35 15.63
C ALA A 129 -10.12 22.23 14.65
N PHE A 130 -9.20 21.36 15.03
CA PHE A 130 -8.63 20.36 14.13
C PHE A 130 -9.66 19.39 13.52
N SER A 131 -9.51 19.12 12.22
CA SER A 131 -10.45 18.29 11.44
C SER A 131 -11.88 18.81 11.30
N ASN A 132 -12.05 19.87 10.52
CA ASN A 132 -13.36 20.44 10.22
C ASN A 132 -13.41 20.81 8.75
N ASN A 133 -14.52 21.38 8.29
CA ASN A 133 -14.69 21.81 6.88
C ASN A 133 -14.41 23.28 6.58
N PHE A 134 -13.77 23.99 7.53
CA PHE A 134 -13.44 25.39 7.35
C PHE A 134 -12.76 25.66 6.03
N GLU A 135 -13.20 26.73 5.38
CA GLU A 135 -12.50 27.35 4.27
C GLU A 135 -12.27 28.80 4.67
N GLY A 136 -11.60 29.54 3.81
CA GLY A 136 -11.34 30.95 4.10
C GLY A 136 -9.98 31.17 4.73
N LEU A 137 -9.59 32.43 4.88
CA LEU A 137 -8.32 32.79 5.48
C LEU A 137 -8.32 32.46 6.95
N LEU A 138 -7.15 32.16 7.50
CA LEU A 138 -7.01 31.91 8.92
C LEU A 138 -7.50 33.17 9.58
N PRO A 139 -8.32 33.06 10.63
CA PRO A 139 -8.78 34.28 11.27
C PRO A 139 -7.57 35.04 11.78
N SER A 140 -7.45 36.31 11.44
CA SER A 140 -6.31 37.07 11.90
C SER A 140 -6.56 37.31 13.36
N ASP A 141 -7.83 37.47 13.68
CA ASP A 141 -8.29 37.87 15.00
C ASP A 141 -7.68 37.10 16.19
N VAL A 142 -7.50 35.78 16.03
CA VAL A 142 -6.96 34.92 17.10
C VAL A 142 -5.57 35.39 17.56
N SER A 143 -4.89 36.10 16.65
CA SER A 143 -3.58 36.64 16.95
C SER A 143 -3.58 37.58 18.14
N ARG A 144 -4.76 38.00 18.60
CA ARG A 144 -4.80 38.91 19.72
C ARG A 144 -5.07 38.35 21.14
N LEU A 145 -5.12 37.03 21.28
CA LEU A 145 -5.24 36.48 22.62
C LEU A 145 -3.83 36.28 23.10
N ARG A 146 -3.38 37.10 24.05
CA ARG A 146 -1.99 37.04 24.41
C ARG A 146 -1.66 35.73 25.13
N PHE A 147 -2.64 35.18 25.83
CA PHE A 147 -2.41 34.03 26.70
C PHE A 147 -2.61 32.69 26.02
N LEU A 148 -3.02 32.72 24.76
CA LEU A 148 -3.23 31.49 24.01
C LEU A 148 -1.97 30.64 24.01
N GLU A 149 -2.12 29.38 24.42
CA GLU A 149 -0.99 28.44 24.53
C GLU A 149 -0.94 27.45 23.37
N GLU A 150 -2.04 26.70 23.20
CA GLU A 150 -2.17 25.72 22.12
C GLU A 150 -3.23 26.12 21.09
N LEU A 151 -2.83 26.18 19.81
CA LEU A 151 -3.76 26.43 18.71
C LEU A 151 -3.70 25.40 17.57
N ASN A 152 -4.77 24.64 17.39
CA ASN A 152 -4.82 23.62 16.35
C ASN A 152 -5.85 24.05 15.34
N PHE A 153 -5.41 24.56 14.17
CA PHE A 153 -6.34 24.88 13.09
C PHE A 153 -6.33 23.91 11.94
N GLY A 154 -5.53 22.86 12.07
CA GLY A 154 -5.33 21.90 11.00
C GLY A 154 -6.58 21.08 10.69
N GLY A 155 -6.43 20.14 9.77
CA GLY A 155 -7.52 19.27 9.39
C GLY A 155 -8.74 19.97 8.79
N SER A 156 -8.55 21.17 8.25
CA SER A 156 -9.60 21.89 7.55
C SER A 156 -9.07 22.21 6.18
N TYR A 157 -9.78 23.04 5.42
CA TYR A 157 -9.19 23.58 4.21
C TYR A 157 -9.10 25.07 4.36
N PHE A 158 -7.95 25.61 4.76
CA PHE A 158 -7.88 27.04 5.06
C PHE A 158 -7.13 27.72 3.96
N GLU A 159 -7.79 28.65 3.28
CA GLU A 159 -7.14 29.34 2.19
C GLU A 159 -6.25 30.47 2.69
N GLY A 160 -5.28 30.83 1.88
CA GLY A 160 -4.52 32.05 2.10
C GLY A 160 -3.28 31.83 2.91
N GLU A 161 -2.57 32.90 3.23
CA GLU A 161 -1.30 32.77 3.93
C GLU A 161 -1.48 32.67 5.43
N ILE A 162 -0.35 32.47 6.12
CA ILE A 162 -0.32 32.37 7.56
C ILE A 162 -0.10 33.77 8.09
N PRO A 163 -1.10 34.33 8.78
CA PRO A 163 -0.97 35.73 9.21
C PRO A 163 0.31 35.90 10.00
N ALA A 164 1.15 36.85 9.62
CA ALA A 164 2.38 37.06 10.34
C ALA A 164 2.07 37.52 11.75
N ALA A 165 0.91 38.12 11.91
CA ALA A 165 0.44 38.58 13.21
C ALA A 165 0.59 37.51 14.28
N TYR A 166 0.41 36.25 13.88
CA TYR A 166 0.48 35.14 14.82
C TYR A 166 1.78 35.10 15.66
N GLY A 167 2.87 35.64 15.12
CA GLY A 167 4.13 35.59 15.84
C GLY A 167 4.08 36.33 17.16
N GLY A 168 2.95 36.96 17.45
CA GLY A 168 2.81 37.74 18.65
C GLY A 168 2.07 37.09 19.80
N LEU A 169 1.96 35.77 19.81
CA LEU A 169 1.37 35.14 20.98
C LEU A 169 2.51 34.62 21.85
N GLN A 170 2.83 35.40 22.88
CA GLN A 170 4.09 35.21 23.54
C GLN A 170 4.05 33.88 24.20
N ARG A 171 2.86 33.51 24.64
CA ARG A 171 2.73 32.35 25.48
C ARG A 171 2.42 31.08 24.72
N LEU A 172 2.42 31.15 23.39
CA LEU A 172 2.02 30.01 22.58
C LEU A 172 3.06 28.88 22.57
N LYS A 173 2.66 27.71 23.07
CA LYS A 173 3.48 26.50 23.09
C LYS A 173 3.43 25.62 21.84
N PHE A 174 2.23 25.51 21.27
CA PHE A 174 1.92 24.45 20.31
C PHE A 174 1.10 25.00 19.17
N ILE A 175 1.52 24.75 17.93
CA ILE A 175 0.82 25.30 16.81
C ILE A 175 0.59 24.29 15.69
N HIS A 176 -0.66 23.96 15.42
CA HIS A 176 -0.95 23.03 14.33
C HIS A 176 -1.86 23.68 13.29
N LEU A 177 -1.24 24.05 12.16
CA LEU A 177 -1.93 24.47 10.94
C LEU A 177 -1.94 23.40 9.85
N ALA A 178 -1.43 22.21 10.17
CA ALA A 178 -1.10 21.15 9.19
C ALA A 178 -2.30 20.56 8.51
N GLY A 179 -2.13 20.23 7.22
CA GLY A 179 -3.20 19.69 6.42
C GLY A 179 -4.35 20.64 6.14
N ASN A 180 -3.99 21.75 5.51
CA ASN A 180 -4.95 22.71 5.03
C ASN A 180 -4.56 23.03 3.60
N VAL A 181 -5.15 24.07 3.04
CA VAL A 181 -4.67 24.55 1.75
C VAL A 181 -3.69 25.71 1.83
N LEU A 182 -3.24 26.09 3.04
CA LEU A 182 -2.51 27.36 3.24
C LEU A 182 -1.24 27.49 2.37
N GLY A 183 -0.81 28.71 2.07
CA GLY A 183 0.21 28.94 1.07
C GLY A 183 1.25 30.08 1.17
N GLY A 184 2.19 30.06 0.24
CA GLY A 184 3.15 31.14 0.09
C GLY A 184 4.41 31.05 0.94
N LYS A 185 4.94 32.21 1.30
CA LYS A 185 6.17 32.29 2.07
C LYS A 185 5.79 32.13 3.51
N LEU A 186 6.61 31.42 4.29
CA LEU A 186 6.36 31.27 5.73
C LEU A 186 6.87 32.53 6.42
N PRO A 187 5.99 33.23 7.15
CA PRO A 187 6.38 34.55 7.62
C PRO A 187 7.46 34.46 8.70
N PRO A 188 8.58 35.20 8.52
CA PRO A 188 9.73 35.19 9.42
C PRO A 188 9.35 35.50 10.87
N ARG A 189 8.31 36.31 11.05
CA ARG A 189 7.90 36.77 12.37
C ARG A 189 7.66 35.60 13.32
N LEU A 190 7.48 34.43 12.74
CA LEU A 190 7.26 33.23 13.52
C LEU A 190 8.36 32.88 14.52
N GLY A 191 9.60 33.24 14.21
CA GLY A 191 10.68 32.95 15.15
C GLY A 191 10.56 33.72 16.47
N LEU A 192 9.49 34.50 16.59
CA LEU A 192 9.30 35.29 17.79
C LEU A 192 8.39 34.67 18.85
N LEU A 193 7.92 33.43 18.64
CA LEU A 193 7.18 32.77 19.71
C LEU A 193 8.25 32.06 20.46
N THR A 194 8.58 32.62 21.61
CA THR A 194 9.76 32.20 22.31
C THR A 194 9.43 30.93 23.06
N GLU A 195 8.24 30.92 23.64
CA GLU A 195 7.76 29.81 24.45
C GLU A 195 7.40 28.58 23.63
N LEU A 196 7.45 28.74 22.30
CA LEU A 196 6.99 27.71 21.36
C LEU A 196 7.80 26.43 21.41
N GLN A 197 7.09 25.32 21.58
CA GLN A 197 7.65 23.98 21.73
C GLN A 197 7.35 23.17 20.48
N HIS A 198 6.06 23.04 20.16
CA HIS A 198 5.59 22.19 19.07
C HIS A 198 5.06 22.97 17.88
N MET A 199 5.63 22.71 16.72
CA MET A 199 5.14 23.33 15.49
C MET A 199 4.91 22.32 14.38
N GLU A 200 3.64 22.06 14.06
CA GLU A 200 3.31 21.21 12.92
C GLU A 200 2.42 22.03 11.97
N ILE A 201 3.05 22.49 10.88
CA ILE A 201 2.43 23.18 9.73
C ILE A 201 2.36 22.48 8.35
N GLY A 202 2.67 21.18 8.29
CA GLY A 202 2.77 20.51 7.00
C GLY A 202 1.51 20.21 6.17
N TYR A 203 1.72 19.70 4.96
CA TYR A 203 0.63 19.20 4.12
C TYR A 203 -0.17 20.31 3.43
N ASN A 204 0.22 21.56 3.69
CA ASN A 204 -0.22 22.75 2.91
C ASN A 204 0.76 23.05 1.78
N HIS A 205 0.57 24.13 1.02
CA HIS A 205 1.52 24.44 -0.06
C HIS A 205 2.30 25.73 0.19
N PHE A 206 3.56 25.63 0.58
CA PHE A 206 4.38 26.81 0.84
C PHE A 206 5.56 26.78 -0.14
N ASN A 207 6.18 27.94 -0.37
CA ASN A 207 7.41 28.01 -1.16
C ASN A 207 8.46 28.90 -0.51
N GLY A 208 9.63 28.96 -1.13
CA GLY A 208 10.72 29.73 -0.58
C GLY A 208 11.58 28.88 0.32
N ASN A 209 12.26 29.52 1.27
CA ASN A 209 13.14 28.79 2.17
C ASN A 209 12.46 28.59 3.50
N ILE A 210 13.16 27.93 4.42
CA ILE A 210 12.80 28.00 5.83
C ILE A 210 13.48 29.23 6.39
N PRO A 211 12.68 30.18 6.91
CA PRO A 211 13.20 31.46 7.39
C PRO A 211 14.32 31.28 8.38
N SER A 212 15.47 31.90 8.16
CA SER A 212 16.61 31.77 9.07
C SER A 212 16.20 32.13 10.49
N GLU A 213 15.31 33.11 10.58
CA GLU A 213 14.79 33.64 11.84
C GLU A 213 14.16 32.54 12.72
N PHE A 214 13.81 31.40 12.12
CA PHE A 214 13.22 30.28 12.84
C PHE A 214 14.20 29.69 13.85
N ALA A 215 15.48 30.05 13.75
CA ALA A 215 16.43 29.52 14.71
C ALA A 215 16.22 30.17 16.07
N LEU A 216 15.35 31.17 16.14
CA LEU A 216 15.12 31.89 17.39
C LEU A 216 14.20 31.20 18.41
N LEU A 217 13.58 30.08 18.03
CA LEU A 217 12.68 29.38 18.93
C LEU A 217 13.51 28.37 19.68
N SER A 218 13.78 28.66 20.95
CA SER A 218 14.75 27.90 21.72
C SER A 218 14.10 26.64 22.26
N ASN A 219 12.88 26.81 22.74
CA ASN A 219 12.22 25.74 23.45
C ASN A 219 11.64 24.75 22.46
N LEU A 220 11.82 25.02 21.17
CA LEU A 220 11.23 24.19 20.12
C LEU A 220 11.68 22.75 20.20
N LYS A 221 10.72 21.83 20.06
CA LYS A 221 10.95 20.40 20.06
C LYS A 221 10.54 19.75 18.73
N TYR A 222 9.25 19.82 18.41
CA TYR A 222 8.67 19.15 17.24
C TYR A 222 8.53 20.14 16.10
N PHE A 223 9.20 19.85 14.99
CA PHE A 223 9.11 20.68 13.82
C PHE A 223 8.81 19.80 12.59
N ASP A 224 7.61 19.91 12.03
CA ASP A 224 7.23 19.15 10.84
C ASP A 224 6.64 20.10 9.80
N VAL A 225 7.41 20.35 8.73
CA VAL A 225 6.97 21.10 7.54
C VAL A 225 6.62 20.26 6.30
N SER A 226 6.53 18.94 6.46
CA SER A 226 6.51 18.00 5.34
C SER A 226 5.33 18.10 4.36
N ASN A 227 5.54 17.57 3.16
CA ASN A 227 4.60 17.65 2.02
C ASN A 227 4.16 19.09 1.76
N CYS A 228 5.12 19.88 1.29
CA CYS A 228 4.91 21.26 0.88
C CYS A 228 5.77 21.45 -0.35
N SER A 229 5.84 22.69 -0.84
CA SER A 229 6.77 23.02 -1.91
C SER A 229 8.04 23.77 -1.53
N LEU A 230 8.27 23.96 -0.24
CA LEU A 230 9.43 24.75 0.25
C LEU A 230 10.75 24.34 -0.38
N SER A 231 11.60 25.33 -0.61
CA SER A 231 12.81 25.06 -1.36
C SER A 231 14.06 25.78 -0.88
N GLY A 232 15.09 25.68 -1.71
CA GLY A 232 16.33 26.37 -1.44
C GLY A 232 17.17 25.59 -0.46
N SER A 233 18.11 26.29 0.18
CA SER A 233 19.04 25.65 1.07
C SER A 233 18.43 25.39 2.46
N LEU A 234 19.00 24.39 3.14
CA LEU A 234 18.74 24.14 4.54
C LEU A 234 19.59 25.11 5.36
N PRO A 235 18.95 25.96 6.19
CA PRO A 235 19.64 27.05 6.91
C PRO A 235 20.59 26.56 8.00
N GLN A 236 21.84 27.04 8.00
CA GLN A 236 22.85 26.55 8.94
C GLN A 236 22.36 26.76 10.35
N GLU A 237 21.77 27.93 10.54
CA GLU A 237 21.38 28.46 11.84
C GLU A 237 20.52 27.50 12.67
N LEU A 238 19.78 26.64 11.98
CA LEU A 238 18.89 25.67 12.62
C LEU A 238 19.61 24.75 13.59
N GLY A 239 20.91 24.60 13.38
CA GLY A 239 21.71 23.74 14.22
C GLY A 239 21.72 24.23 15.65
N ASN A 240 21.08 25.36 15.91
CA ASN A 240 21.07 25.90 17.26
C ASN A 240 19.85 25.58 18.14
N LEU A 241 18.90 24.79 17.67
CA LEU A 241 17.76 24.51 18.55
C LEU A 241 18.15 23.26 19.33
N SER A 242 18.53 23.46 20.57
CA SER A 242 19.17 22.39 21.31
C SER A 242 18.12 21.53 21.96
N ASN A 243 16.87 21.96 21.89
CA ASN A 243 15.84 21.20 22.54
C ASN A 243 15.09 20.28 21.60
N LEU A 244 15.52 20.24 20.35
CA LEU A 244 14.68 19.69 19.29
C LEU A 244 14.75 18.17 19.18
N GLU A 245 13.64 17.52 19.49
CA GLU A 245 13.55 16.08 19.43
C GLU A 245 12.96 15.53 18.14
N THR A 246 12.36 16.38 17.33
CA THR A 246 11.74 15.93 16.10
C THR A 246 11.91 16.89 14.94
N LEU A 247 12.44 16.40 13.83
CA LEU A 247 12.52 17.23 12.66
C LEU A 247 12.05 16.47 11.42
N PHE A 248 10.89 16.83 10.87
CA PHE A 248 10.46 16.19 9.64
C PHE A 248 10.39 17.20 8.50
N LEU A 249 11.37 17.19 7.62
CA LEU A 249 11.40 18.08 6.44
C LEU A 249 11.02 17.40 5.14
N PHE A 250 10.58 16.15 5.24
CA PHE A 250 10.42 15.29 4.06
C PHE A 250 9.40 15.70 2.98
N GLN A 251 9.75 15.36 1.74
CA GLN A 251 8.97 15.73 0.56
C GLN A 251 8.87 17.23 0.30
N ASN A 252 10.01 17.83 -0.04
CA ASN A 252 10.07 19.23 -0.40
C ASN A 252 11.15 19.44 -1.44
N GLY A 253 11.53 20.70 -1.68
CA GLY A 253 12.50 21.03 -2.72
C GLY A 253 13.89 21.42 -2.28
N PHE A 254 14.26 21.08 -1.05
CA PHE A 254 15.52 21.50 -0.47
C PHE A 254 16.74 21.02 -1.25
N THR A 255 17.80 21.82 -1.24
CA THR A 255 18.95 21.60 -2.11
C THR A 255 20.27 21.81 -1.39
N GLY A 256 21.37 21.63 -2.11
CA GLY A 256 22.69 21.86 -1.55
C GLY A 256 23.00 20.85 -0.46
N GLU A 257 24.20 20.92 0.10
CA GLU A 257 24.60 19.97 1.15
C GLU A 257 23.78 20.16 2.43
N ILE A 258 23.73 19.12 3.27
CA ILE A 258 23.16 19.20 4.61
C ILE A 258 24.21 19.83 5.49
N PRO A 259 23.87 20.96 6.13
CA PRO A 259 24.82 21.72 6.96
C PRO A 259 25.42 20.91 8.11
N GLU A 260 26.73 21.02 8.30
CA GLU A 260 27.39 20.24 9.34
C GLU A 260 26.87 20.60 10.71
N SER A 261 26.30 21.79 10.82
CA SER A 261 25.88 22.33 12.10
C SER A 261 24.87 21.44 12.78
N TYR A 262 24.16 20.65 11.99
CA TYR A 262 23.10 19.84 12.55
C TYR A 262 23.66 18.82 13.52
N SER A 263 24.97 18.61 13.46
CA SER A 263 25.61 17.69 14.38
C SER A 263 25.39 18.17 15.83
N ASN A 264 24.76 19.32 15.96
CA ASN A 264 24.56 19.94 17.26
C ASN A 264 23.23 19.68 17.96
N LEU A 265 22.29 18.97 17.35
CA LEU A 265 21.08 18.73 18.12
C LEU A 265 21.30 17.42 18.82
N LYS A 266 21.59 17.48 20.11
CA LYS A 266 21.96 16.27 20.83
C LYS A 266 20.71 15.62 21.37
N SER A 267 19.62 16.37 21.31
CA SER A 267 18.36 15.89 21.81
C SER A 267 17.56 15.30 20.68
N LEU A 268 18.10 15.38 19.47
CA LEU A 268 17.39 14.93 18.28
C LEU A 268 17.14 13.44 18.30
N LYS A 269 15.90 13.06 18.04
CA LYS A 269 15.50 11.66 18.04
C LYS A 269 15.15 11.18 16.64
N LEU A 270 14.11 11.78 16.07
CA LEU A 270 13.63 11.42 14.74
C LEU A 270 14.03 12.47 13.74
N LEU A 271 14.66 12.04 12.66
CA LEU A 271 15.03 12.94 11.61
C LEU A 271 14.58 12.35 10.27
N ASP A 272 13.70 13.06 9.56
CA ASP A 272 13.29 12.57 8.24
C ASP A 272 13.41 13.67 7.16
N PHE A 273 14.39 13.48 6.28
CA PHE A 273 14.66 14.40 5.17
C PHE A 273 14.17 13.98 3.79
N SER A 274 13.41 12.89 3.75
CA SER A 274 13.13 12.14 2.52
C SER A 274 12.41 12.83 1.36
N SER A 275 12.72 12.38 0.15
CA SER A 275 12.20 12.97 -1.08
C SER A 275 12.55 14.46 -1.25
N ASN A 276 13.84 14.77 -1.12
CA ASN A 276 14.38 16.10 -1.38
C ASN A 276 15.55 16.04 -2.38
N GLN A 277 16.15 17.18 -2.65
CA GLN A 277 17.30 17.27 -3.55
C GLN A 277 18.66 17.31 -2.83
N LEU A 278 18.68 17.10 -1.52
CA LEU A 278 19.92 17.29 -0.76
C LEU A 278 21.12 16.53 -1.35
N SER A 279 22.28 17.19 -1.39
CA SER A 279 23.45 16.64 -2.07
C SER A 279 24.67 16.57 -1.15
N GLY A 280 25.76 16.03 -1.68
CA GLY A 280 26.99 15.90 -0.91
C GLY A 280 26.90 14.90 0.24
N SER A 281 28.01 14.69 0.94
CA SER A 281 28.06 13.62 1.93
C SER A 281 27.23 13.92 3.16
N ILE A 282 27.24 12.96 4.09
CA ILE A 282 26.61 13.13 5.40
C ILE A 282 27.64 13.71 6.37
N PRO A 283 27.20 14.63 7.24
CA PRO A 283 28.07 15.25 8.24
C PRO A 283 28.82 14.21 9.07
N SER A 284 30.14 14.36 9.17
CA SER A 284 30.91 13.42 9.97
C SER A 284 30.40 13.48 11.40
N GLY A 285 29.84 14.63 11.76
CA GLY A 285 29.42 14.90 13.13
C GLY A 285 28.10 14.27 13.51
N PHE A 286 27.40 13.74 12.53
CA PHE A 286 26.16 13.04 12.80
C PHE A 286 26.33 11.83 13.71
N SER A 287 27.56 11.34 13.83
CA SER A 287 27.91 10.22 14.71
C SER A 287 27.60 10.56 16.17
N THR A 288 27.35 11.85 16.44
CA THR A 288 27.25 12.32 17.82
C THR A 288 25.85 12.38 18.44
N LEU A 289 24.79 12.08 17.68
CA LEU A 289 23.48 12.25 18.29
C LEU A 289 23.10 10.94 18.93
N LYS A 290 23.20 10.90 20.25
CA LYS A 290 23.06 9.66 20.97
C LYS A 290 21.63 9.53 21.43
N ASN A 291 20.82 10.53 21.12
CA ASN A 291 19.39 10.36 21.35
C ASN A 291 18.62 10.00 20.10
N LEU A 292 19.35 9.84 18.99
CA LEU A 292 18.75 9.57 17.67
C LEU A 292 18.15 8.18 17.47
N THR A 293 16.87 8.11 17.11
CA THR A 293 16.17 6.83 16.99
C THR A 293 15.89 6.49 15.53
N TRP A 294 15.18 7.38 14.85
CA TRP A 294 14.86 7.24 13.43
C TRP A 294 15.76 8.12 12.57
N LEU A 295 16.48 7.52 11.63
CA LEU A 295 17.21 8.34 10.66
C LEU A 295 16.80 8.02 9.22
N SER A 296 16.10 8.94 8.54
CA SER A 296 15.67 8.65 7.17
C SER A 296 16.08 9.69 6.14
N LEU A 297 17.01 9.31 5.29
CA LEU A 297 17.50 10.15 4.19
C LEU A 297 16.91 9.83 2.81
N ILE A 298 15.86 9.02 2.80
CA ILE A 298 15.37 8.37 1.59
C ILE A 298 15.23 9.30 0.40
N SER A 299 15.67 8.82 -0.76
CA SER A 299 15.31 9.45 -2.03
C SER A 299 15.77 10.90 -2.15
N ASN A 300 17.08 11.07 -2.25
CA ASN A 300 17.71 12.37 -2.37
C ASN A 300 18.83 12.25 -3.39
N ASN A 301 19.66 13.29 -3.48
CA ASN A 301 20.85 13.21 -4.30
C ASN A 301 22.08 12.82 -3.51
N LEU A 302 21.88 12.43 -2.26
CA LEU A 302 22.96 12.26 -1.28
C LEU A 302 24.16 11.41 -1.72
N SER A 303 25.36 11.78 -1.29
CA SER A 303 26.60 11.12 -1.70
C SER A 303 27.63 10.80 -0.61
N GLY A 304 28.79 10.31 -1.03
CA GLY A 304 29.89 10.05 -0.11
C GLY A 304 29.62 8.88 0.81
N GLU A 305 30.64 8.49 1.58
CA GLU A 305 30.52 7.38 2.52
C GLU A 305 29.56 7.68 3.66
N VAL A 306 29.10 6.64 4.34
CA VAL A 306 28.28 6.79 5.53
C VAL A 306 29.19 6.77 6.73
N PRO A 307 29.06 7.75 7.63
CA PRO A 307 30.00 7.89 8.75
C PRO A 307 30.11 6.62 9.61
N GLU A 308 31.33 6.14 9.81
CA GLU A 308 31.58 4.89 10.54
C GLU A 308 30.96 4.99 11.92
N GLY A 309 30.86 6.23 12.38
CA GLY A 309 30.38 6.52 13.73
C GLY A 309 28.95 6.14 13.99
N ILE A 310 28.20 5.84 12.94
CA ILE A 310 26.80 5.49 13.15
C ILE A 310 26.73 4.05 13.67
N GLY A 311 27.89 3.39 13.69
CA GLY A 311 28.01 2.02 14.16
C GLY A 311 27.37 1.82 15.51
N GLU A 312 27.73 2.66 16.48
CA GLU A 312 27.02 2.67 17.75
C GLU A 312 26.41 4.02 18.09
N LEU A 313 25.09 4.08 17.94
CA LEU A 313 24.27 5.08 18.57
C LEU A 313 23.41 4.18 19.40
N PRO A 314 23.52 4.28 20.72
CA PRO A 314 22.84 3.36 21.65
C PRO A 314 21.36 3.21 21.32
N GLU A 315 20.76 4.27 20.79
CA GLU A 315 19.33 4.31 20.53
C GLU A 315 18.83 4.06 19.10
N LEU A 316 19.73 3.88 18.14
CA LEU A 316 19.32 3.80 16.72
C LEU A 316 18.40 2.62 16.42
N THR A 317 17.29 2.90 15.74
CA THR A 317 16.25 1.92 15.51
C THR A 317 15.91 1.80 14.04
N THR A 318 15.43 2.89 13.45
CA THR A 318 15.04 2.87 12.04
C THR A 318 16.06 3.63 11.20
N LEU A 319 16.75 2.91 10.31
CA LEU A 319 17.69 3.53 9.39
C LEU A 319 17.34 3.41 7.90
N PHE A 320 16.90 4.49 7.26
CA PHE A 320 16.56 4.44 5.84
C PHE A 320 17.51 5.33 5.05
N LEU A 321 18.45 4.72 4.35
CA LEU A 321 19.31 5.44 3.42
C LEU A 321 18.99 5.26 1.94
N TRP A 322 17.92 4.54 1.63
CA TRP A 322 17.69 4.06 0.27
C TRP A 322 17.44 5.15 -0.79
N ASN A 323 17.75 4.82 -2.04
CA ASN A 323 17.64 5.72 -3.20
C ASN A 323 18.54 6.99 -3.24
N ASN A 324 19.83 6.79 -3.00
CA ASN A 324 20.83 7.81 -3.23
C ASN A 324 21.97 7.15 -4.00
N ASN A 325 23.08 7.86 -4.18
CA ASN A 325 24.31 7.21 -4.62
C ASN A 325 25.29 7.35 -3.47
N PHE A 326 25.53 6.27 -2.73
CA PHE A 326 26.37 6.31 -1.53
C PHE A 326 27.54 5.36 -1.78
N THR A 327 28.64 5.51 -1.06
CA THR A 327 29.75 4.59 -1.31
C THR A 327 30.39 4.06 -0.03
N GLY A 328 31.16 2.98 -0.16
CA GLY A 328 31.92 2.44 0.95
C GLY A 328 31.19 1.40 1.76
N VAL A 329 31.85 0.89 2.80
CA VAL A 329 31.27 -0.12 3.67
C VAL A 329 30.13 0.49 4.45
N LEU A 330 29.20 -0.36 4.88
CA LEU A 330 28.28 0.05 5.91
C LEU A 330 29.13 0.14 7.16
N PRO A 331 28.74 1.00 8.11
CA PRO A 331 29.44 1.07 9.39
C PRO A 331 29.47 -0.33 9.97
N HIS A 332 30.65 -0.81 10.34
CA HIS A 332 30.77 -2.24 10.51
C HIS A 332 30.23 -2.76 11.83
N LYS A 333 30.20 -1.93 12.87
CA LYS A 333 29.63 -2.40 14.14
C LYS A 333 28.12 -2.16 14.20
N LEU A 334 27.55 -1.79 13.06
CA LEU A 334 26.11 -1.54 12.94
C LEU A 334 25.25 -2.66 13.50
N GLY A 335 24.22 -2.30 14.26
CA GLY A 335 23.25 -3.25 14.78
C GLY A 335 23.62 -3.73 16.17
N SER A 336 24.87 -3.48 16.56
CA SER A 336 25.40 -3.94 17.82
C SER A 336 24.74 -3.25 19.00
N ASN A 337 24.12 -2.10 18.75
CA ASN A 337 23.37 -1.43 19.79
C ASN A 337 22.17 -2.26 20.22
N GLY A 338 21.88 -3.30 19.46
CA GLY A 338 20.92 -4.31 19.86
C GLY A 338 19.47 -3.87 19.82
N LYS A 339 19.24 -2.60 19.54
CA LYS A 339 17.88 -2.09 19.38
C LYS A 339 17.43 -1.92 17.93
N LEU A 340 18.30 -2.31 16.99
CA LEU A 340 18.04 -2.11 15.56
C LEU A 340 16.86 -2.93 15.10
N GLU A 341 15.90 -2.24 14.49
CA GLU A 341 14.67 -2.87 14.03
C GLU A 341 14.62 -3.02 12.51
N THR A 342 14.64 -1.90 11.81
CA THR A 342 14.48 -1.90 10.37
C THR A 342 15.53 -1.07 9.64
N MET A 343 16.14 -1.65 8.61
CA MET A 343 17.08 -0.94 7.75
C MET A 343 16.82 -1.16 6.26
N ASP A 344 16.73 -0.06 5.49
CA ASP A 344 16.70 -0.17 4.04
C ASP A 344 17.74 0.76 3.41
N VAL A 345 18.81 0.18 2.86
CA VAL A 345 19.86 0.88 2.13
C VAL A 345 19.85 0.77 0.58
N SER A 346 18.79 0.21 0.02
CA SER A 346 18.74 -0.22 -1.40
C SER A 346 18.94 0.90 -2.45
N ASN A 347 19.29 0.52 -3.68
CA ASN A 347 19.45 1.46 -4.81
C ASN A 347 20.64 2.40 -4.69
N ASN A 348 21.70 1.93 -4.04
CA ASN A 348 22.89 2.76 -3.85
C ASN A 348 24.12 2.17 -4.51
N SER A 349 25.27 2.82 -4.30
CA SER A 349 26.56 2.30 -4.69
C SER A 349 27.34 1.63 -3.55
N PHE A 350 26.67 1.40 -2.42
CA PHE A 350 27.31 0.81 -1.22
C PHE A 350 28.13 -0.42 -1.56
N THR A 351 29.31 -0.57 -0.97
CA THR A 351 30.15 -1.73 -1.27
C THR A 351 30.57 -2.47 0.00
N GLY A 352 31.35 -3.53 -0.17
CA GLY A 352 31.91 -4.26 0.96
C GLY A 352 31.11 -5.41 1.54
N THR A 353 31.21 -5.58 2.85
CA THR A 353 30.57 -6.70 3.55
C THR A 353 29.41 -6.23 4.40
N ILE A 354 28.36 -7.05 4.47
CA ILE A 354 27.27 -6.83 5.40
C ILE A 354 27.79 -7.03 6.80
N PRO A 355 27.41 -6.12 7.71
CA PRO A 355 27.73 -6.21 9.13
C PRO A 355 27.18 -7.49 9.77
N SER A 356 28.05 -8.18 10.49
CA SER A 356 27.73 -9.43 11.15
C SER A 356 26.77 -9.23 12.32
N SER A 357 26.80 -8.04 12.90
CA SER A 357 26.09 -7.77 14.14
C SER A 357 24.71 -7.14 14.00
N LEU A 358 24.19 -7.04 12.78
CA LEU A 358 22.92 -6.33 12.54
C LEU A 358 21.83 -6.74 13.52
N CYS A 359 21.74 -8.03 13.73
CA CYS A 359 20.72 -8.58 14.60
C CYS A 359 21.18 -8.80 16.03
N HIS A 360 22.37 -8.29 16.40
CA HIS A 360 23.06 -8.63 17.66
C HIS A 360 22.07 -8.60 18.82
N GLY A 361 21.00 -7.83 18.63
CA GLY A 361 19.92 -7.76 19.59
C GLY A 361 18.63 -8.46 19.21
N ASN A 362 18.56 -9.03 18.02
CA ASN A 362 17.39 -9.81 17.60
C ASN A 362 16.08 -9.04 17.57
N LYS A 363 16.17 -7.72 17.42
CA LYS A 363 15.00 -6.87 17.27
C LYS A 363 14.70 -6.50 15.82
N LEU A 364 15.56 -6.93 14.91
CA LEU A 364 15.48 -6.55 13.51
C LEU A 364 14.52 -7.42 12.68
N TYR A 365 13.58 -6.77 11.96
CA TYR A 365 12.62 -7.50 11.10
C TYR A 365 12.75 -7.27 9.58
N LYS A 366 12.64 -6.01 9.14
CA LYS A 366 12.74 -5.69 7.71
C LYS A 366 14.18 -5.29 7.30
N LEU A 367 14.83 -6.14 6.49
CA LEU A 367 16.15 -5.82 5.93
C LEU A 367 16.18 -5.80 4.39
N ILE A 368 16.38 -4.61 3.83
CA ILE A 368 16.46 -4.44 2.39
C ILE A 368 17.87 -3.96 2.00
N LEU A 369 18.68 -4.88 1.47
CA LEU A 369 20.03 -4.57 1.03
C LEU A 369 20.14 -4.40 -0.49
N PHE A 370 19.02 -4.46 -1.19
CA PHE A 370 19.02 -4.73 -2.64
C PHE A 370 19.59 -3.68 -3.58
N SER A 371 19.98 -4.12 -4.77
CA SER A 371 20.49 -3.25 -5.82
C SER A 371 21.69 -2.44 -5.33
N ASN A 372 22.71 -3.15 -4.85
CA ASN A 372 23.93 -2.52 -4.38
C ASN A 372 25.19 -3.20 -4.94
N MET A 373 26.34 -2.72 -4.51
CA MET A 373 27.62 -3.30 -4.89
C MET A 373 28.22 -4.28 -3.86
N PHE A 374 27.43 -4.62 -2.84
CA PHE A 374 27.87 -5.49 -1.74
C PHE A 374 28.57 -6.76 -2.25
N GLU A 375 29.75 -7.07 -1.72
CA GLU A 375 30.44 -8.33 -2.08
C GLU A 375 30.59 -9.23 -0.86
N GLY A 376 31.27 -10.36 -1.04
CA GLY A 376 31.57 -11.25 0.07
C GLY A 376 30.42 -12.16 0.47
N GLU A 377 30.66 -13.03 1.44
CA GLU A 377 29.69 -14.06 1.84
C GLU A 377 28.53 -13.40 2.60
N LEU A 378 27.55 -14.22 2.97
CA LEU A 378 26.34 -13.74 3.62
C LEU A 378 26.44 -14.05 5.10
N PRO A 379 26.25 -13.05 5.97
CA PRO A 379 26.54 -13.22 7.41
C PRO A 379 25.82 -14.42 7.99
N LYS A 380 26.59 -15.32 8.63
CA LYS A 380 26.02 -16.53 9.17
C LYS A 380 25.11 -16.11 10.30
N SER A 381 25.50 -15.05 10.99
CA SER A 381 24.73 -14.53 12.10
C SER A 381 23.30 -14.23 11.70
N LEU A 382 23.09 -13.97 10.41
CA LEU A 382 21.77 -13.54 9.96
C LEU A 382 20.73 -14.67 10.04
N THR A 383 21.19 -15.92 10.17
CA THR A 383 20.27 -17.04 10.30
C THR A 383 19.85 -17.18 11.75
N ARG A 384 20.49 -16.38 12.60
CA ARG A 384 20.23 -16.36 14.03
C ARG A 384 19.24 -15.27 14.41
N CYS A 385 18.68 -14.57 13.42
CA CYS A 385 17.79 -13.46 13.72
C CYS A 385 16.37 -13.96 13.79
N GLU A 386 15.80 -13.98 14.99
CA GLU A 386 14.46 -14.52 15.19
C GLU A 386 13.42 -13.68 14.49
N SER A 387 13.57 -12.39 14.66
CA SER A 387 12.58 -11.43 14.23
C SER A 387 12.46 -11.33 12.69
N LEU A 388 13.44 -11.88 11.96
CA LEU A 388 13.49 -11.69 10.50
C LEU A 388 12.22 -12.16 9.82
N TRP A 389 11.65 -11.26 9.04
CA TRP A 389 10.34 -11.40 8.42
C TRP A 389 10.42 -11.07 6.94
N ARG A 390 10.88 -9.86 6.61
CA ARG A 390 11.07 -9.46 5.23
C ARG A 390 12.55 -9.25 4.97
N PHE A 391 13.10 -9.95 3.99
CA PHE A 391 14.51 -9.75 3.60
C PHE A 391 14.67 -9.75 2.07
N ARG A 392 15.12 -8.64 1.52
CA ARG A 392 15.34 -8.59 0.07
C ARG A 392 16.76 -8.11 -0.25
N SER A 393 17.60 -9.04 -0.72
CA SER A 393 18.99 -8.78 -1.11
C SER A 393 19.36 -8.73 -2.60
N GLN A 394 18.37 -8.75 -3.48
CA GLN A 394 18.59 -8.87 -4.92
C GLN A 394 19.55 -7.86 -5.57
N ASN A 395 20.19 -8.31 -6.65
CA ASN A 395 21.18 -7.54 -7.42
C ASN A 395 22.49 -7.15 -6.74
N ASN A 396 23.16 -8.11 -6.11
CA ASN A 396 24.43 -7.82 -5.47
C ASN A 396 25.51 -8.82 -5.85
N ARG A 397 26.69 -8.65 -5.28
CA ARG A 397 27.82 -9.55 -5.49
C ARG A 397 28.05 -10.62 -4.43
N LEU A 398 27.12 -10.76 -3.49
CA LEU A 398 27.25 -11.74 -2.39
C LEU A 398 27.61 -13.14 -2.90
N ASN A 399 28.60 -13.78 -2.27
CA ASN A 399 29.17 -15.02 -2.82
C ASN A 399 29.09 -16.29 -1.96
N GLY A 400 29.74 -17.34 -2.44
CA GLY A 400 29.93 -18.54 -1.66
C GLY A 400 28.64 -19.27 -1.37
N THR A 401 28.72 -20.27 -0.50
CA THR A 401 27.56 -21.04 -0.11
C THR A 401 26.60 -20.15 0.65
N ILE A 402 25.33 -20.52 0.64
CA ILE A 402 24.32 -19.81 1.41
C ILE A 402 24.22 -20.41 2.80
N PRO A 403 24.17 -19.54 3.82
CA PRO A 403 23.94 -19.92 5.23
C PRO A 403 22.69 -20.78 5.47
N ILE A 404 22.86 -21.70 6.42
CA ILE A 404 22.04 -22.89 6.55
C ILE A 404 20.91 -22.87 7.60
N GLY A 405 20.70 -21.75 8.27
CA GLY A 405 19.84 -21.78 9.45
C GLY A 405 18.47 -21.14 9.32
N PHE A 406 18.06 -20.87 8.09
CA PHE A 406 16.90 -20.03 7.86
C PHE A 406 15.55 -20.61 8.28
N GLY A 407 15.47 -21.94 8.38
CA GLY A 407 14.22 -22.64 8.60
C GLY A 407 13.72 -22.61 10.03
N SER A 408 14.56 -22.08 10.91
CA SER A 408 14.24 -21.90 12.33
C SER A 408 13.12 -20.89 12.61
N LEU A 409 13.05 -19.83 11.80
CA LEU A 409 12.35 -18.59 12.15
C LEU A 409 10.83 -18.64 11.94
N ARG A 410 10.07 -18.43 13.03
CA ARG A 410 8.62 -18.53 12.98
C ARG A 410 7.97 -17.33 12.30
N ASN A 411 8.70 -16.23 12.19
CA ASN A 411 8.14 -15.02 11.60
C ASN A 411 8.49 -14.65 10.15
N LEU A 412 9.30 -15.46 9.46
CA LEU A 412 9.91 -14.99 8.20
C LEU A 412 9.07 -15.26 6.95
N THR A 413 8.44 -14.23 6.40
CA THR A 413 7.60 -14.44 5.22
C THR A 413 8.05 -14.03 3.80
N PHE A 414 9.15 -13.30 3.64
CA PHE A 414 9.51 -12.84 2.29
C PHE A 414 11.02 -12.84 2.05
N VAL A 415 11.53 -13.59 1.06
CA VAL A 415 12.99 -13.65 0.79
C VAL A 415 13.41 -13.54 -0.68
N ASP A 416 14.19 -12.53 -1.03
CA ASP A 416 14.73 -12.42 -2.39
C ASP A 416 16.25 -12.38 -2.41
N LEU A 417 16.87 -13.48 -2.82
CA LEU A 417 18.31 -13.55 -3.07
C LEU A 417 18.75 -13.46 -4.53
N SER A 418 17.80 -13.20 -5.42
CA SER A 418 18.02 -13.22 -6.85
C SER A 418 19.15 -12.32 -7.36
N ASN A 419 19.85 -12.78 -8.38
CA ASN A 419 20.98 -12.07 -8.97
C ASN A 419 22.11 -11.81 -8.00
N ASN A 420 22.76 -12.87 -7.57
CA ASN A 420 23.95 -12.72 -6.77
C ASN A 420 24.98 -13.72 -7.26
N ARG A 421 26.12 -13.77 -6.59
CA ARG A 421 27.14 -14.76 -6.91
C ARG A 421 27.12 -16.00 -6.01
N PHE A 422 26.04 -16.20 -5.25
CA PHE A 422 25.86 -17.37 -4.39
C PHE A 422 26.13 -18.65 -5.14
N THR A 423 26.95 -19.50 -4.53
CA THR A 423 27.36 -20.77 -5.14
C THR A 423 26.86 -21.94 -4.31
N ASP A 424 27.29 -23.14 -4.73
CA ASP A 424 27.07 -24.40 -4.00
C ASP A 424 25.60 -24.75 -3.76
N GLN A 425 25.35 -25.28 -2.57
CA GLN A 425 24.04 -25.82 -2.26
C GLN A 425 23.05 -24.75 -1.89
N ILE A 426 21.78 -25.09 -2.11
CA ILE A 426 20.66 -24.32 -1.61
C ILE A 426 20.33 -24.93 -0.25
N PRO A 427 20.11 -24.10 0.79
CA PRO A 427 19.82 -24.63 2.13
C PRO A 427 18.58 -25.52 2.20
N ALA A 428 18.68 -26.62 2.93
CA ALA A 428 17.65 -27.64 2.95
C ALA A 428 16.42 -27.25 3.77
N ASP A 429 16.67 -26.62 4.92
CA ASP A 429 15.63 -26.25 5.87
C ASP A 429 14.67 -25.19 5.33
N PHE A 430 15.01 -24.63 4.18
CA PHE A 430 14.25 -23.56 3.54
C PHE A 430 12.76 -23.84 3.42
N ALA A 431 12.39 -25.07 3.07
CA ALA A 431 10.98 -25.39 2.92
C ALA A 431 10.35 -25.90 4.22
N THR A 432 11.17 -26.04 5.25
CA THR A 432 10.68 -26.37 6.58
C THR A 432 10.17 -25.15 7.35
N ALA A 433 10.74 -23.97 7.07
CA ALA A 433 10.34 -22.69 7.68
C ALA A 433 8.87 -22.36 7.43
N PRO A 434 8.11 -22.14 8.51
CA PRO A 434 6.65 -22.23 8.60
C PRO A 434 5.86 -21.16 7.89
N VAL A 435 6.36 -19.93 7.90
CA VAL A 435 5.60 -18.84 7.32
C VAL A 435 6.04 -18.34 5.95
N LEU A 436 7.08 -18.92 5.38
CA LEU A 436 7.80 -18.24 4.31
C LEU A 436 7.03 -18.27 3.02
N GLN A 437 6.58 -17.10 2.60
CA GLN A 437 5.65 -16.95 1.48
C GLN A 437 6.26 -16.61 0.10
N TYR A 438 7.51 -16.18 0.07
CA TYR A 438 8.15 -15.80 -1.19
C TYR A 438 9.61 -16.19 -1.21
N LEU A 439 10.06 -16.92 -2.21
CA LEU A 439 11.49 -17.23 -2.26
C LEU A 439 12.08 -17.05 -3.65
N ASN A 440 13.00 -16.11 -3.82
CA ASN A 440 13.65 -15.96 -5.13
C ASN A 440 15.16 -16.16 -5.02
N LEU A 441 15.63 -17.31 -5.48
CA LEU A 441 17.05 -17.64 -5.54
C LEU A 441 17.65 -17.52 -6.94
N SER A 442 16.86 -16.97 -7.85
CA SER A 442 17.19 -17.00 -9.27
C SER A 442 18.48 -16.27 -9.66
N THR A 443 19.02 -16.65 -10.82
CA THR A 443 20.19 -16.01 -11.45
C THR A 443 21.48 -16.11 -10.64
N ASN A 444 21.72 -17.27 -10.07
CA ASN A 444 22.91 -17.47 -9.26
C ASN A 444 23.90 -18.45 -9.83
N PHE A 445 24.92 -18.71 -9.04
CA PHE A 445 25.95 -19.66 -9.41
C PHE A 445 25.93 -21.08 -8.84
N PHE A 446 24.80 -21.49 -8.27
CA PHE A 446 24.68 -22.67 -7.41
C PHE A 446 25.49 -23.89 -7.83
N HIS A 447 25.18 -24.46 -8.99
CA HIS A 447 25.81 -25.71 -9.46
C HIS A 447 25.52 -26.87 -8.52
N ARG A 448 24.26 -26.97 -8.12
CA ARG A 448 23.78 -28.06 -7.28
C ARG A 448 22.28 -28.19 -7.54
N LYS A 449 21.57 -28.92 -6.68
CA LYS A 449 20.17 -29.26 -6.93
C LYS A 449 19.18 -28.89 -5.80
N LEU A 450 17.90 -28.83 -6.15
CA LEU A 450 16.82 -28.47 -5.20
C LEU A 450 16.64 -29.51 -4.08
N PRO A 451 16.10 -29.10 -2.92
CA PRO A 451 15.85 -30.09 -1.86
C PRO A 451 14.60 -30.94 -2.09
N GLU A 452 14.52 -32.10 -1.44
CA GLU A 452 13.32 -32.92 -1.47
C GLU A 452 12.22 -32.15 -0.75
N ASN A 453 12.66 -31.32 0.19
CA ASN A 453 11.78 -30.52 1.04
C ASN A 453 10.96 -29.53 0.25
N ILE A 454 11.47 -29.17 -0.91
CA ILE A 454 11.08 -27.95 -1.63
C ILE A 454 9.59 -27.68 -1.80
N TRP A 455 8.81 -28.69 -2.22
CA TRP A 455 7.41 -28.45 -2.52
C TRP A 455 6.49 -28.64 -1.31
N LYS A 456 7.11 -28.84 -0.14
CA LYS A 456 6.39 -29.14 1.09
C LYS A 456 6.13 -27.90 1.90
N ALA A 457 6.56 -26.77 1.38
CA ALA A 457 6.49 -25.51 2.12
C ALA A 457 5.09 -25.07 2.59
N PRO A 458 4.93 -24.93 3.91
CA PRO A 458 3.62 -24.89 4.57
C PRO A 458 2.74 -23.78 4.05
N ASN A 459 3.22 -22.54 4.04
CA ASN A 459 2.58 -21.54 3.23
C ASN A 459 3.69 -20.91 2.44
N LEU A 460 3.77 -21.24 1.16
CA LEU A 460 4.74 -20.64 0.25
C LEU A 460 4.03 -20.47 -1.04
N GLN A 461 3.95 -19.23 -1.51
CA GLN A 461 3.23 -18.94 -2.74
C GLN A 461 4.15 -18.86 -3.96
N ILE A 462 5.12 -17.96 -3.97
CA ILE A 462 6.00 -17.82 -5.15
C ILE A 462 7.41 -18.41 -4.96
N PHE A 463 7.90 -19.15 -5.96
CA PHE A 463 9.26 -19.71 -5.91
C PHE A 463 10.04 -19.60 -7.22
N SER A 464 11.16 -18.89 -7.21
CA SER A 464 11.95 -18.80 -8.44
C SER A 464 13.44 -19.11 -8.29
N ALA A 465 13.85 -20.25 -8.82
CA ALA A 465 15.26 -20.62 -8.91
C ALA A 465 15.84 -20.39 -10.31
N SER A 466 15.04 -19.78 -11.18
CA SER A 466 15.36 -19.61 -12.61
C SER A 466 16.73 -19.03 -12.92
N PHE A 467 17.46 -19.68 -13.83
CA PHE A 467 18.78 -19.23 -14.28
C PHE A 467 19.89 -19.23 -13.26
N SER A 468 19.78 -20.06 -12.24
CA SER A 468 20.97 -20.31 -11.49
C SER A 468 21.37 -21.73 -11.76
N ASN A 469 22.19 -21.94 -12.78
CA ASN A 469 23.14 -23.05 -12.82
C ASN A 469 22.69 -24.33 -12.10
N LEU A 470 21.40 -24.63 -12.19
CA LEU A 470 20.83 -25.79 -11.53
C LEU A 470 21.09 -27.05 -12.34
N ILE A 471 21.04 -28.20 -11.68
CA ILE A 471 21.22 -29.47 -12.36
C ILE A 471 20.42 -30.52 -11.60
N GLY A 472 20.12 -31.63 -12.26
CA GLY A 472 19.54 -32.77 -11.58
C GLY A 472 18.05 -32.94 -11.74
N GLU A 473 17.53 -34.04 -11.23
CA GLU A 473 16.10 -34.35 -11.26
C GLU A 473 15.29 -33.29 -10.47
N ILE A 474 14.03 -33.11 -10.85
CA ILE A 474 13.14 -32.19 -10.14
C ILE A 474 12.31 -32.96 -9.12
N PRO A 475 12.59 -32.76 -7.83
CA PRO A 475 12.00 -33.49 -6.70
C PRO A 475 10.47 -33.59 -6.75
N ASN A 476 9.94 -34.79 -6.53
CA ASN A 476 8.50 -35.04 -6.62
C ASN A 476 7.74 -34.16 -5.65
N TYR A 477 6.67 -33.54 -6.14
CA TYR A 477 5.94 -32.55 -5.37
C TYR A 477 5.11 -33.31 -4.36
N VAL A 478 5.44 -33.13 -3.11
CA VAL A 478 4.79 -33.94 -2.11
C VAL A 478 3.91 -32.99 -1.33
N GLY A 479 2.60 -33.13 -1.57
CA GLY A 479 1.61 -32.25 -0.97
C GLY A 479 1.85 -30.80 -1.28
N CYS A 480 1.98 -30.49 -2.57
CA CYS A 480 2.15 -29.12 -2.99
C CYS A 480 0.98 -28.36 -2.42
N LYS A 481 1.26 -27.33 -1.63
CA LYS A 481 0.17 -26.68 -0.91
C LYS A 481 -0.22 -25.33 -1.46
N SER A 482 0.62 -24.35 -1.18
CA SER A 482 0.25 -22.96 -1.38
C SER A 482 0.77 -22.30 -2.67
N PHE A 483 1.54 -23.05 -3.47
CA PHE A 483 2.29 -22.50 -4.59
C PHE A 483 1.39 -22.01 -5.70
N TYR A 484 1.45 -20.73 -6.05
CA TYR A 484 0.88 -20.30 -7.34
C TYR A 484 1.83 -19.97 -8.52
N ARG A 485 3.12 -19.73 -8.27
CA ARG A 485 4.02 -19.33 -9.37
C ARG A 485 5.37 -20.00 -9.22
N ILE A 486 5.79 -20.74 -10.24
CA ILE A 486 7.06 -21.47 -10.19
C ILE A 486 7.98 -21.24 -11.39
N GLU A 487 9.14 -20.63 -11.17
CA GLU A 487 10.04 -20.48 -12.32
C GLU A 487 11.32 -21.26 -12.09
N LEU A 488 11.42 -22.41 -12.77
CA LEU A 488 12.62 -23.27 -12.73
C LEU A 488 13.51 -23.20 -13.99
N GLN A 489 13.16 -22.32 -14.91
CA GLN A 489 13.74 -22.27 -16.24
C GLN A 489 15.22 -21.89 -16.36
N GLY A 490 15.81 -22.23 -17.51
CA GLY A 490 17.12 -21.72 -17.92
C GLY A 490 18.33 -22.45 -17.38
N ASN A 491 18.17 -23.74 -17.11
CA ASN A 491 19.15 -24.48 -16.33
C ASN A 491 19.66 -25.74 -17.03
N SER A 492 20.41 -26.53 -16.28
CA SER A 492 20.79 -27.86 -16.74
C SER A 492 19.98 -29.06 -16.20
N LEU A 493 18.84 -28.79 -15.54
CA LEU A 493 17.99 -29.85 -14.98
C LEU A 493 17.63 -30.94 -15.98
N ASN A 494 17.87 -32.19 -15.60
CA ASN A 494 17.55 -33.36 -16.43
C ASN A 494 16.46 -34.19 -15.76
N GLY A 495 16.13 -35.33 -16.34
CA GLY A 495 15.13 -36.19 -15.73
C GLY A 495 13.76 -35.81 -16.22
N THR A 496 12.73 -36.19 -15.47
CA THR A 496 11.35 -36.02 -15.93
C THR A 496 10.46 -35.19 -15.01
N ILE A 497 9.40 -34.61 -15.57
CA ILE A 497 8.41 -33.83 -14.83
C ILE A 497 7.53 -34.75 -14.00
N PRO A 498 7.60 -34.62 -12.68
CA PRO A 498 6.98 -35.57 -11.75
C PRO A 498 5.53 -35.96 -11.99
N TRP A 499 5.33 -37.25 -11.75
CA TRP A 499 4.07 -37.94 -11.76
C TRP A 499 2.99 -37.17 -10.98
N ASP A 500 3.36 -36.62 -9.83
CA ASP A 500 2.39 -36.10 -8.87
C ASP A 500 2.06 -34.62 -9.00
N ILE A 501 2.56 -33.98 -10.04
CA ILE A 501 2.46 -32.51 -10.17
C ILE A 501 1.03 -31.98 -10.03
N GLY A 502 0.04 -32.87 -10.15
CA GLY A 502 -1.34 -32.47 -9.99
C GLY A 502 -1.68 -32.18 -8.55
N HIS A 503 -0.64 -32.10 -7.73
CA HIS A 503 -0.78 -31.83 -6.32
C HIS A 503 -0.83 -30.34 -6.02
N CYS A 504 -0.42 -29.53 -6.98
CA CYS A 504 -0.44 -28.10 -6.75
C CYS A 504 -1.69 -27.61 -7.41
N GLU A 505 -2.73 -27.38 -6.62
CA GLU A 505 -4.03 -27.04 -7.16
C GLU A 505 -4.02 -25.56 -7.53
N LYS A 506 -3.24 -24.80 -6.77
CA LYS A 506 -3.23 -23.35 -6.88
C LYS A 506 -2.19 -22.83 -7.88
N LEU A 507 -1.56 -23.75 -8.58
CA LEU A 507 -0.53 -23.41 -9.55
C LEU A 507 -1.10 -22.66 -10.76
N LEU A 508 -0.45 -21.54 -11.12
CA LEU A 508 -0.88 -20.61 -12.18
C LEU A 508 0.07 -20.47 -13.35
N CYS A 509 1.27 -19.96 -13.07
CA CYS A 509 2.30 -19.92 -14.08
C CYS A 509 3.48 -20.79 -13.71
N LEU A 510 3.76 -21.75 -14.59
CA LEU A 510 4.90 -22.66 -14.47
C LEU A 510 5.85 -22.53 -15.67
N ASN A 511 7.02 -21.93 -15.46
CA ASN A 511 7.99 -21.84 -16.54
C ASN A 511 9.12 -22.86 -16.27
N LEU A 512 9.11 -23.94 -17.03
CA LEU A 512 10.10 -25.03 -16.97
C LEU A 512 11.16 -25.04 -18.09
N SER A 513 11.19 -24.02 -18.95
CA SER A 513 11.92 -24.09 -20.23
C SER A 513 13.46 -24.01 -20.20
N GLN A 514 14.06 -24.15 -21.38
CA GLN A 514 15.52 -24.15 -21.58
C GLN A 514 16.28 -25.14 -20.69
N ASN A 515 15.86 -26.40 -20.74
CA ASN A 515 16.43 -27.43 -19.89
C ASN A 515 16.75 -28.75 -20.58
N HIS A 516 17.26 -29.66 -19.77
CA HIS A 516 17.65 -30.98 -20.21
C HIS A 516 16.62 -32.07 -19.95
N LEU A 517 15.40 -31.66 -19.61
CA LEU A 517 14.26 -32.56 -19.39
C LEU A 517 13.90 -33.50 -20.55
N ASN A 518 13.38 -34.66 -20.16
CA ASN A 518 13.05 -35.73 -21.09
C ASN A 518 11.82 -36.47 -20.60
N GLY A 519 11.56 -37.65 -21.17
CA GLY A 519 10.43 -38.44 -20.77
C GLY A 519 9.18 -37.79 -21.31
N ILE A 520 8.04 -38.02 -20.68
CA ILE A 520 6.80 -37.42 -21.15
C ILE A 520 6.32 -36.27 -20.26
N ILE A 521 5.21 -35.67 -20.69
CA ILE A 521 4.55 -34.53 -20.05
C ILE A 521 3.30 -35.05 -19.36
N PRO A 522 3.34 -35.17 -18.03
CA PRO A 522 2.35 -35.92 -17.25
C PRO A 522 0.91 -35.45 -17.42
N TRP A 523 -0.04 -36.36 -17.61
CA TRP A 523 -1.44 -36.01 -17.87
C TRP A 523 -2.06 -35.28 -16.70
N GLU A 524 -1.42 -35.42 -15.55
CA GLU A 524 -1.86 -34.84 -14.28
C GLU A 524 -2.08 -33.31 -14.35
N ILE A 525 -1.25 -32.62 -15.14
CA ILE A 525 -1.41 -31.18 -15.38
C ILE A 525 -2.73 -30.80 -16.05
N SER A 526 -3.32 -31.70 -16.84
CA SER A 526 -4.63 -31.41 -17.41
C SER A 526 -5.63 -31.09 -16.30
N THR A 527 -5.33 -31.59 -15.10
CA THR A 527 -6.20 -31.44 -13.94
C THR A 527 -5.86 -30.33 -12.94
N LEU A 528 -4.84 -29.52 -13.20
CA LEU A 528 -4.61 -28.32 -12.38
C LEU A 528 -5.72 -27.34 -12.68
N PRO A 529 -6.55 -27.04 -11.68
CA PRO A 529 -7.83 -26.33 -11.77
C PRO A 529 -7.77 -24.83 -12.13
N SER A 530 -6.76 -24.11 -11.68
CA SER A 530 -6.63 -22.72 -12.09
C SER A 530 -5.56 -22.40 -13.16
N ILE A 531 -4.85 -23.41 -13.65
CA ILE A 531 -3.61 -23.23 -14.44
C ILE A 531 -3.65 -22.26 -15.63
N ALA A 532 -2.69 -21.34 -15.70
CA ALA A 532 -2.70 -20.29 -16.72
C ALA A 532 -1.57 -20.37 -17.73
N ASP A 533 -0.35 -20.19 -17.27
CA ASP A 533 0.81 -20.14 -18.15
C ASP A 533 1.65 -21.38 -17.98
N VAL A 534 2.02 -22.03 -19.08
CA VAL A 534 2.95 -23.16 -19.02
C VAL A 534 4.04 -23.03 -20.09
N ASP A 535 5.29 -22.84 -19.72
CA ASP A 535 6.32 -22.76 -20.74
C ASP A 535 7.29 -23.93 -20.61
N LEU A 536 7.16 -24.89 -21.50
CA LEU A 536 7.99 -26.10 -21.57
C LEU A 536 9.11 -26.18 -22.63
N SER A 537 9.39 -25.10 -23.34
CA SER A 537 10.26 -25.15 -24.54
C SER A 537 11.78 -25.50 -24.39
N HIS A 538 12.37 -25.93 -25.51
CA HIS A 538 13.80 -26.24 -25.64
C HIS A 538 14.34 -27.40 -24.80
N ASN A 539 13.66 -28.55 -24.92
CA ASN A 539 14.05 -29.74 -24.18
C ASN A 539 14.10 -30.99 -25.03
N LEU A 540 14.34 -32.10 -24.35
CA LEU A 540 14.37 -33.42 -24.95
C LEU A 540 13.06 -34.15 -24.76
N LEU A 541 12.06 -33.44 -24.23
CA LEU A 541 10.74 -34.01 -23.99
C LEU A 541 10.19 -34.71 -25.22
N THR A 542 9.75 -35.93 -25.03
CA THR A 542 9.14 -36.66 -26.13
C THR A 542 7.99 -37.47 -25.59
N GLY A 543 6.95 -37.62 -26.40
CA GLY A 543 5.73 -38.23 -25.91
C GLY A 543 4.58 -37.61 -26.64
N THR A 544 3.41 -37.66 -26.03
CA THR A 544 2.22 -37.08 -26.63
C THR A 544 1.75 -35.90 -25.80
N ILE A 545 1.01 -35.00 -26.44
CA ILE A 545 0.33 -33.93 -25.73
C ILE A 545 -1.03 -34.42 -25.27
N PRO A 546 -1.26 -34.45 -23.94
CA PRO A 546 -2.36 -35.13 -23.23
C PRO A 546 -3.75 -34.88 -23.79
N SER A 547 -4.52 -35.95 -23.92
CA SER A 547 -5.86 -35.92 -24.51
C SER A 547 -6.70 -34.76 -24.00
N ASP A 548 -6.98 -34.80 -22.70
CA ASP A 548 -8.07 -34.04 -22.08
C ASP A 548 -7.75 -32.56 -21.79
N PHE A 549 -6.53 -32.15 -22.11
CA PHE A 549 -6.08 -30.76 -21.91
C PHE A 549 -6.93 -29.68 -22.56
N GLY A 550 -7.48 -29.97 -23.73
CA GLY A 550 -8.29 -28.99 -24.41
C GLY A 550 -9.58 -28.68 -23.67
N SER A 551 -9.87 -29.42 -22.60
CA SER A 551 -11.13 -29.24 -21.90
C SER A 551 -11.03 -28.21 -20.78
N SER A 552 -9.88 -27.56 -20.67
CA SER A 552 -9.62 -26.63 -19.58
C SER A 552 -9.90 -25.18 -19.92
N LYS A 553 -10.78 -24.56 -19.17
CA LYS A 553 -11.13 -23.18 -19.45
C LYS A 553 -10.06 -22.17 -19.01
N THR A 554 -9.06 -22.61 -18.25
CA THR A 554 -8.04 -21.70 -17.75
C THR A 554 -6.65 -21.61 -18.42
N ILE A 555 -6.31 -22.45 -19.39
CA ILE A 555 -4.96 -22.33 -19.91
C ILE A 555 -4.97 -21.33 -21.03
N THR A 556 -4.24 -20.24 -20.86
CA THR A 556 -3.99 -19.40 -22.00
C THR A 556 -2.62 -19.62 -22.64
N THR A 557 -1.72 -20.34 -21.98
CA THR A 557 -0.37 -20.55 -22.52
C THR A 557 0.16 -21.97 -22.38
N PHE A 558 0.54 -22.54 -23.51
CA PHE A 558 1.26 -23.80 -23.56
C PHE A 558 2.39 -23.61 -24.58
N ASN A 559 3.66 -23.57 -24.16
CA ASN A 559 4.69 -23.48 -25.18
C ASN A 559 5.58 -24.70 -25.12
N VAL A 560 5.37 -25.63 -26.04
CA VAL A 560 6.12 -26.89 -26.11
C VAL A 560 7.25 -26.95 -27.15
N SER A 561 7.53 -25.80 -27.76
CA SER A 561 8.46 -25.67 -28.89
C SER A 561 9.89 -26.17 -28.66
N TYR A 562 10.51 -26.64 -29.73
CA TYR A 562 11.85 -27.20 -29.68
C TYR A 562 11.89 -28.36 -28.72
N ASN A 563 11.14 -29.41 -29.06
CA ASN A 563 11.14 -30.65 -28.30
C ASN A 563 11.00 -31.81 -29.25
N GLN A 564 10.98 -33.01 -28.68
CA GLN A 564 10.89 -34.23 -29.45
C GLN A 564 9.45 -34.75 -29.59
N LEU A 565 8.48 -33.96 -29.14
CA LEU A 565 7.08 -34.38 -29.08
C LEU A 565 6.54 -34.91 -30.38
N ILE A 566 5.61 -35.85 -30.26
CA ILE A 566 5.00 -36.48 -31.42
C ILE A 566 3.53 -36.77 -31.12
N GLY A 567 2.74 -36.95 -32.18
CA GLY A 567 1.33 -37.21 -32.00
C GLY A 567 0.50 -35.98 -32.26
N PRO A 568 -0.83 -36.09 -32.11
CA PRO A 568 -1.77 -35.01 -32.40
C PRO A 568 -1.88 -33.96 -31.30
N ILE A 569 -2.22 -32.75 -31.71
CA ILE A 569 -2.48 -31.63 -30.81
C ILE A 569 -3.98 -31.58 -30.48
N PRO A 570 -4.34 -31.27 -29.21
CA PRO A 570 -5.76 -31.31 -28.79
C PRO A 570 -6.71 -30.28 -29.41
N SER A 571 -7.86 -30.74 -29.92
CA SER A 571 -8.94 -29.83 -30.27
C SER A 571 -9.68 -29.49 -28.98
N GLY A 572 -9.79 -28.20 -28.68
CA GLY A 572 -10.14 -27.76 -27.35
C GLY A 572 -9.92 -26.27 -27.19
N SER A 573 -9.61 -25.86 -25.96
CA SER A 573 -9.08 -24.52 -25.73
C SER A 573 -7.88 -24.30 -26.62
N PHE A 574 -7.20 -25.39 -26.93
CA PHE A 574 -6.04 -25.33 -27.78
C PHE A 574 -6.34 -24.77 -29.17
N ALA A 575 -7.61 -24.67 -29.54
CA ALA A 575 -7.97 -24.12 -30.85
C ALA A 575 -7.60 -22.65 -30.91
N HIS A 576 -7.67 -21.99 -29.76
CA HIS A 576 -7.46 -20.55 -29.71
C HIS A 576 -5.99 -20.21 -29.55
N LEU A 577 -5.14 -21.23 -29.66
CA LEU A 577 -3.71 -21.08 -29.39
C LEU A 577 -2.87 -20.58 -30.57
N ASN A 578 -1.61 -20.28 -30.28
CA ASN A 578 -0.70 -19.75 -31.27
C ASN A 578 0.15 -20.85 -31.84
N PRO A 579 0.12 -21.01 -33.15
CA PRO A 579 0.84 -22.12 -33.80
C PRO A 579 2.28 -22.17 -33.36
N SER A 580 2.94 -21.03 -33.26
CA SER A 580 4.37 -21.03 -33.03
C SER A 580 4.76 -21.61 -31.66
N PHE A 581 3.76 -21.93 -30.84
CA PHE A 581 3.96 -22.68 -29.58
C PHE A 581 4.50 -24.06 -29.83
N PHE A 582 3.97 -24.71 -30.86
CA PHE A 582 4.30 -26.10 -31.12
C PHE A 582 5.38 -26.30 -32.18
N SER A 583 5.96 -25.21 -32.68
CA SER A 583 6.95 -25.30 -33.74
C SER A 583 8.24 -26.00 -33.28
N SER A 584 9.04 -26.45 -34.23
CA SER A 584 10.28 -27.15 -33.94
C SER A 584 10.02 -28.41 -33.11
N ASN A 585 8.77 -28.87 -33.18
CA ASN A 585 8.43 -30.22 -32.81
C ASN A 585 7.99 -30.89 -34.08
N GLU A 586 8.85 -31.79 -34.52
CA GLU A 586 8.83 -32.28 -35.87
C GLU A 586 7.85 -33.41 -35.96
N GLY A 587 7.39 -33.89 -34.82
CA GLY A 587 6.55 -35.06 -34.77
C GLY A 587 5.08 -34.82 -34.49
N LEU A 588 4.71 -33.55 -34.34
CA LEU A 588 3.34 -33.24 -34.00
C LEU A 588 2.53 -33.23 -35.27
N CYS A 589 1.26 -33.64 -35.17
CA CYS A 589 0.30 -33.51 -36.26
C CYS A 589 -0.95 -32.78 -35.76
N GLY A 590 -1.73 -32.21 -36.67
CA GLY A 590 -2.97 -31.56 -36.29
C GLY A 590 -3.20 -30.35 -37.16
N ASP A 591 -4.14 -29.49 -36.79
CA ASP A 591 -4.31 -28.26 -37.53
C ASP A 591 -3.16 -27.28 -37.26
N LEU A 592 -2.92 -26.97 -36.00
CA LEU A 592 -2.00 -25.88 -35.66
C LEU A 592 -0.54 -26.10 -36.06
N VAL A 593 -0.18 -27.34 -36.36
CA VAL A 593 1.15 -27.62 -36.92
C VAL A 593 1.17 -27.72 -38.45
N GLY A 594 -0.02 -27.77 -39.03
CA GLY A 594 -0.19 -27.66 -40.47
C GLY A 594 -0.29 -28.98 -41.16
N LYS A 595 0.25 -30.01 -40.53
CA LYS A 595 0.29 -31.35 -41.09
C LYS A 595 -0.85 -32.16 -40.48
N PRO A 596 -1.69 -32.78 -41.30
CA PRO A 596 -2.83 -33.54 -40.80
C PRO A 596 -2.47 -34.92 -40.28
N CYS A 597 -3.32 -35.45 -39.40
CA CYS A 597 -3.24 -36.82 -38.94
C CYS A 597 -4.15 -37.60 -39.88
N ASN A 598 -4.31 -38.89 -39.67
CA ASN A 598 -5.21 -39.70 -40.50
C ASN A 598 -4.86 -39.67 -42.00
N HIS B 1 -11.91 16.17 7.47
CA HIS B 1 -10.53 16.15 6.99
C HIS B 1 -9.54 15.71 8.09
N GLU B 2 -8.87 14.58 7.86
CA GLU B 2 -7.79 14.18 8.74
C GLU B 2 -6.48 14.22 7.99
N VAL B 3 -5.41 14.52 8.73
CA VAL B 3 -4.11 14.83 8.17
C VAL B 3 -3.07 13.84 8.65
N PRO B 4 -2.15 13.40 7.75
CA PRO B 4 -1.04 12.49 8.10
C PRO B 4 -0.19 13.09 9.17
N SER B 5 0.40 12.28 10.05
CA SER B 5 1.46 12.83 10.91
C SER B 5 2.59 11.88 11.23
N GLY B 6 3.81 12.33 11.07
CA GLY B 6 4.90 11.56 11.63
C GLY B 6 6.01 11.58 10.63
N ASN B 8 8.09 9.93 7.37
CA ASN B 8 7.65 9.38 6.10
C ASN B 8 7.72 7.88 6.12
N PRO B 9 6.58 7.21 5.91
CA PRO B 9 6.41 5.75 5.92
C PRO B 9 6.94 4.93 4.76
N ILE B 10 6.96 5.49 3.54
CA ILE B 10 7.09 4.65 2.36
C ILE B 10 8.25 3.71 2.49
N SER B 11 8.02 2.51 1.95
CA SER B 11 8.92 1.42 2.19
C SER B 11 9.10 0.49 1.01
N ASN B 12 9.99 -0.47 1.23
CA ASN B 12 10.24 -1.51 0.26
C ASN B 12 9.88 -2.87 0.87
N ASN C 1 2.56 2.95 -7.77
CA ASN C 1 1.97 3.14 -6.45
C ASN C 1 0.79 4.09 -6.45
N MET C 2 0.35 4.49 -7.63
CA MET C 2 -0.96 5.10 -7.76
C MET C 2 -1.91 3.93 -7.81
N GLU C 3 -1.53 2.99 -8.66
CA GLU C 3 -2.29 1.77 -8.87
C GLU C 3 -2.24 0.96 -7.60
N GLY C 4 -1.26 1.25 -6.78
CA GLY C 4 -1.17 0.61 -5.48
C GLY C 4 -2.35 1.09 -4.67
N ASP C 5 -2.55 2.39 -4.68
CA ASP C 5 -3.62 2.98 -3.91
C ASP C 5 -4.95 2.45 -4.41
N ALA C 6 -5.05 2.29 -5.73
CA ALA C 6 -6.26 1.76 -6.36
C ALA C 6 -6.54 0.31 -5.94
N LEU C 7 -5.52 -0.52 -6.05
CA LEU C 7 -5.65 -1.91 -5.67
C LEU C 7 -6.04 -1.98 -4.21
N HIS C 8 -5.53 -1.04 -3.43
CA HIS C 8 -5.87 -1.01 -2.04
C HIS C 8 -7.29 -0.54 -1.81
N SER C 9 -7.82 0.27 -2.71
CA SER C 9 -9.20 0.71 -2.59
C SER C 9 -10.07 -0.50 -2.75
N LEU C 10 -9.76 -1.27 -3.80
CA LEU C 10 -10.46 -2.51 -4.08
C LEU C 10 -10.42 -3.39 -2.84
N ARG C 11 -9.21 -3.56 -2.31
CA ARG C 11 -8.97 -4.34 -1.10
C ARG C 11 -9.90 -3.92 0.04
N ALA C 12 -9.93 -2.62 0.30
CA ALA C 12 -10.68 -2.07 1.43
C ALA C 12 -12.16 -2.29 1.29
N ASN C 13 -12.70 -2.03 0.10
CA ASN C 13 -14.10 -2.34 -0.17
C ASN C 13 -14.40 -3.84 -0.10
N LEU C 14 -13.34 -4.65 -0.08
CA LEU C 14 -13.48 -6.10 -0.18
C LEU C 14 -13.53 -6.81 1.16
N VAL C 15 -14.31 -7.87 1.18
CA VAL C 15 -14.35 -8.78 2.29
C VAL C 15 -13.38 -9.92 2.01
N ASP C 16 -12.35 -10.07 2.84
CA ASP C 16 -11.35 -11.10 2.58
C ASP C 16 -11.19 -12.04 3.76
N PRO C 17 -12.17 -12.95 3.94
CA PRO C 17 -12.26 -13.80 5.13
C PRO C 17 -11.02 -14.66 5.36
N ASN C 18 -10.28 -14.95 4.30
CA ASN C 18 -9.03 -15.68 4.43
C ASN C 18 -7.72 -14.89 4.38
N ASN C 19 -7.82 -13.56 4.26
CA ASN C 19 -6.65 -12.67 4.26
C ASN C 19 -5.58 -12.98 3.19
N VAL C 20 -6.00 -13.06 1.93
CA VAL C 20 -5.05 -13.16 0.81
C VAL C 20 -4.50 -11.78 0.49
N LEU C 21 -5.41 -10.82 0.53
CA LEU C 21 -5.12 -9.40 0.33
C LEU C 21 -4.22 -8.89 1.46
N GLN C 22 -4.04 -9.72 2.46
CA GLN C 22 -3.30 -9.39 3.66
C GLN C 22 -1.87 -8.94 3.36
N SER C 23 -1.38 -9.25 2.17
CA SER C 23 -0.04 -8.81 1.79
C SER C 23 -0.06 -7.43 1.12
N TRP C 24 -1.26 -6.88 0.95
CA TRP C 24 -1.42 -5.66 0.14
C TRP C 24 -1.27 -4.44 1.01
N ASP C 25 -0.11 -3.80 0.88
CA ASP C 25 0.40 -2.88 1.89
C ASP C 25 0.60 -1.49 1.33
N PRO C 26 -0.44 -0.64 1.44
CA PRO C 26 -0.56 0.64 0.72
C PRO C 26 0.68 1.51 0.82
N THR C 27 1.46 1.35 1.88
CA THR C 27 2.66 2.15 2.11
C THR C 27 3.89 1.59 1.39
N LEU C 28 3.70 0.55 0.61
CA LEU C 28 4.77 0.01 -0.19
C LEU C 28 5.01 0.88 -1.44
N VAL C 29 6.26 0.94 -1.91
CA VAL C 29 6.66 1.79 -3.02
C VAL C 29 5.89 1.51 -4.33
N ASN C 30 5.18 0.39 -4.37
CA ASN C 30 4.33 0.00 -5.49
C ASN C 30 3.76 -1.35 -5.17
N PRO C 31 2.68 -1.75 -5.83
CA PRO C 31 2.22 -3.07 -5.41
C PRO C 31 2.83 -4.24 -6.20
N CYS C 32 4.12 -4.24 -6.50
CA CYS C 32 4.65 -5.31 -7.34
C CYS C 32 5.19 -6.43 -6.49
N THR C 33 5.31 -6.17 -5.21
CA THR C 33 5.73 -7.19 -4.26
C THR C 33 4.50 -7.74 -3.57
N TRP C 34 3.33 -7.31 -4.02
CA TRP C 34 2.11 -7.86 -3.48
C TRP C 34 1.86 -9.28 -4.00
N PHE C 35 1.13 -10.07 -3.22
CA PHE C 35 0.69 -11.36 -3.69
C PHE C 35 -0.51 -11.17 -4.57
N HIS C 36 -0.72 -12.10 -5.49
CA HIS C 36 -1.85 -12.03 -6.38
C HIS C 36 -1.80 -10.84 -7.34
N VAL C 37 -0.82 -9.98 -7.15
CA VAL C 37 -0.57 -8.93 -8.11
C VAL C 37 0.70 -9.33 -8.82
N THR C 38 0.76 -9.02 -10.12
CA THR C 38 1.93 -9.34 -10.91
C THR C 38 2.21 -8.13 -11.74
N CYS C 39 3.45 -7.64 -11.71
CA CYS C 39 3.80 -6.47 -12.48
C CYS C 39 4.77 -6.84 -13.57
N ASN C 40 5.07 -5.89 -14.43
CA ASN C 40 6.03 -6.10 -15.52
C ASN C 40 7.44 -5.70 -15.10
N ASN C 41 8.32 -5.53 -16.08
CA ASN C 41 9.65 -5.02 -15.78
C ASN C 41 9.68 -3.52 -15.69
N GLU C 42 8.55 -2.90 -16.02
CA GLU C 42 8.37 -1.46 -15.83
C GLU C 42 7.71 -1.19 -14.46
N ASN C 43 7.39 -2.26 -13.75
CA ASN C 43 6.74 -2.19 -12.45
C ASN C 43 5.33 -1.62 -12.44
N SER C 44 4.60 -1.81 -13.53
CA SER C 44 3.17 -1.55 -13.54
C SER C 44 2.43 -2.88 -13.49
N VAL C 45 1.26 -2.90 -12.86
CA VAL C 45 0.52 -4.15 -12.73
C VAL C 45 -0.04 -4.64 -14.08
N ILE C 46 0.33 -5.84 -14.50
CA ILE C 46 -0.34 -6.44 -15.64
C ILE C 46 -1.32 -7.56 -15.29
N ARG C 47 -1.31 -8.00 -14.02
CA ARG C 47 -2.13 -9.13 -13.60
C ARG C 47 -2.65 -8.94 -12.20
N VAL C 48 -3.91 -9.33 -11.98
CA VAL C 48 -4.41 -9.52 -10.64
C VAL C 48 -5.12 -10.86 -10.54
N ASP C 49 -4.56 -11.84 -9.82
CA ASP C 49 -5.26 -13.13 -9.77
C ASP C 49 -5.80 -13.45 -8.38
N LEU C 50 -7.07 -13.17 -8.20
CA LEU C 50 -7.83 -13.50 -7.00
C LEU C 50 -8.82 -14.66 -7.13
N GLY C 51 -8.79 -15.38 -8.24
CA GLY C 51 -9.73 -16.47 -8.45
C GLY C 51 -9.76 -17.45 -7.29
N ASN C 52 -10.96 -17.77 -6.80
CA ASN C 52 -11.17 -18.67 -5.65
C ASN C 52 -10.61 -18.21 -4.30
N ALA C 53 -10.72 -16.93 -3.96
CA ALA C 53 -10.19 -16.45 -2.71
C ALA C 53 -11.23 -16.35 -1.61
N ASP C 54 -12.46 -16.78 -1.91
CA ASP C 54 -13.57 -16.70 -0.97
C ASP C 54 -13.91 -15.25 -0.66
N LEU C 55 -13.57 -14.34 -1.57
CA LEU C 55 -13.80 -12.91 -1.38
C LEU C 55 -15.29 -12.60 -1.43
N SER C 56 -15.76 -11.72 -0.57
CA SER C 56 -17.15 -11.31 -0.63
C SER C 56 -17.20 -9.81 -0.85
N GLY C 57 -18.40 -9.26 -0.91
CA GLY C 57 -18.50 -7.82 -1.06
C GLY C 57 -18.39 -7.40 -2.51
N GLN C 58 -17.73 -6.28 -2.75
CA GLN C 58 -17.78 -5.66 -4.07
C GLN C 58 -16.46 -5.13 -4.58
N LEU C 59 -16.58 -4.37 -5.65
CA LEU C 59 -15.46 -3.80 -6.37
C LEU C 59 -15.56 -2.28 -6.33
N VAL C 60 -14.45 -1.61 -6.57
CA VAL C 60 -14.48 -0.17 -6.72
C VAL C 60 -14.06 0.17 -8.15
N PRO C 61 -14.55 1.30 -8.69
CA PRO C 61 -14.22 1.73 -10.06
C PRO C 61 -12.76 2.13 -10.19
N GLN C 62 -12.07 2.28 -9.06
CA GLN C 62 -10.65 2.60 -9.07
C GLN C 62 -9.82 1.64 -9.91
N LEU C 63 -10.35 0.43 -10.14
CA LEU C 63 -9.70 -0.58 -10.97
C LEU C 63 -9.40 -0.09 -12.39
N GLY C 64 -10.11 0.96 -12.81
CA GLY C 64 -9.78 1.60 -14.06
C GLY C 64 -8.34 2.08 -14.12
N GLN C 65 -7.84 2.65 -13.03
CA GLN C 65 -6.54 3.33 -13.08
C GLN C 65 -5.35 2.45 -13.37
N LEU C 66 -5.54 1.14 -13.45
CA LEU C 66 -4.40 0.31 -13.79
C LEU C 66 -4.39 0.35 -15.31
N LYS C 67 -3.45 1.09 -15.86
CA LYS C 67 -3.49 1.40 -17.28
C LYS C 67 -2.94 0.21 -18.08
N ASN C 68 -2.00 -0.52 -17.49
CA ASN C 68 -1.39 -1.66 -18.17
C ASN C 68 -1.93 -3.05 -17.83
N LEU C 69 -2.96 -3.09 -17.00
CA LEU C 69 -3.60 -4.33 -16.58
C LEU C 69 -4.04 -5.14 -17.77
N GLN C 70 -3.59 -6.39 -17.81
CA GLN C 70 -3.87 -7.26 -18.92
C GLN C 70 -4.86 -8.33 -18.52
N TYR C 71 -4.48 -9.14 -17.54
CA TYR C 71 -5.33 -10.21 -17.06
C TYR C 71 -5.90 -9.85 -15.70
N LEU C 72 -7.22 -9.78 -15.64
CA LEU C 72 -7.94 -9.56 -14.40
C LEU C 72 -8.78 -10.80 -14.11
N GLU C 73 -8.35 -11.59 -13.13
CA GLU C 73 -9.08 -12.81 -12.85
C GLU C 73 -9.72 -12.71 -11.48
N LEU C 74 -11.01 -12.46 -11.46
CA LEU C 74 -11.81 -12.51 -10.24
C LEU C 74 -12.74 -13.72 -10.05
N TYR C 75 -12.67 -14.70 -10.94
CA TYR C 75 -13.67 -15.78 -11.00
C TYR C 75 -13.80 -16.67 -9.75
N SER C 76 -14.97 -17.29 -9.64
CA SER C 76 -15.26 -18.21 -8.55
C SER C 76 -15.08 -17.54 -7.20
N ASN C 77 -15.98 -16.61 -6.90
CA ASN C 77 -15.97 -15.89 -5.64
C ASN C 77 -17.41 -15.46 -5.28
N ASN C 78 -17.59 -14.85 -4.11
CA ASN C 78 -18.91 -14.41 -3.70
C ASN C 78 -19.15 -12.95 -4.02
N ILE C 79 -18.22 -12.37 -4.76
CA ILE C 79 -18.30 -10.96 -5.18
C ILE C 79 -19.67 -10.66 -5.80
N THR C 80 -20.29 -9.61 -5.30
CA THR C 80 -21.58 -9.22 -5.81
C THR C 80 -21.47 -7.78 -6.20
N GLY C 81 -22.60 -7.17 -6.48
CA GLY C 81 -22.60 -5.77 -6.82
C GLY C 81 -22.71 -5.61 -8.31
N PRO C 82 -22.39 -4.42 -8.78
CA PRO C 82 -22.35 -4.18 -10.22
C PRO C 82 -20.97 -4.32 -10.84
N VAL C 83 -20.94 -4.17 -12.16
CA VAL C 83 -19.73 -4.17 -12.96
C VAL C 83 -19.41 -2.76 -13.43
N PRO C 84 -18.30 -2.19 -12.93
CA PRO C 84 -17.92 -0.79 -13.20
C PRO C 84 -17.63 -0.41 -14.65
N SER C 85 -18.33 0.59 -15.18
CA SER C 85 -18.08 1.04 -16.55
C SER C 85 -16.64 1.50 -16.74
N ASP C 86 -16.01 1.89 -15.65
CA ASP C 86 -14.61 2.30 -15.71
C ASP C 86 -13.66 1.17 -16.12
N LEU C 87 -14.18 -0.05 -16.22
CA LEU C 87 -13.38 -1.16 -16.75
C LEU C 87 -13.12 -0.94 -18.24
N GLY C 88 -13.99 -0.17 -18.87
CA GLY C 88 -13.72 0.34 -20.21
C GLY C 88 -12.46 1.18 -20.21
N ASN C 89 -12.13 1.78 -19.08
CA ASN C 89 -10.91 2.57 -18.99
C ASN C 89 -9.62 1.72 -19.04
N LEU C 90 -9.75 0.39 -19.11
CA LEU C 90 -8.57 -0.47 -19.18
C LEU C 90 -8.34 -0.94 -20.61
N THR C 91 -7.35 -0.34 -21.28
CA THR C 91 -7.16 -0.57 -22.71
C THR C 91 -6.39 -1.85 -23.04
N ASN C 92 -5.32 -2.07 -22.30
CA ASN C 92 -4.41 -3.17 -22.59
C ASN C 92 -4.91 -4.49 -22.01
N LEU C 93 -6.12 -4.46 -21.49
CA LEU C 93 -6.70 -5.66 -20.92
C LEU C 93 -6.97 -6.65 -22.05
N VAL C 94 -6.27 -7.80 -21.95
CA VAL C 94 -6.48 -8.97 -22.82
C VAL C 94 -7.55 -9.93 -22.33
N SER C 95 -7.65 -10.13 -21.01
CA SER C 95 -8.63 -11.09 -20.48
C SER C 95 -9.41 -10.55 -19.27
N LEU C 96 -10.73 -10.62 -19.33
CA LEU C 96 -11.55 -10.28 -18.17
C LEU C 96 -12.43 -11.45 -17.76
N ASP C 97 -12.08 -12.08 -16.64
CA ASP C 97 -12.87 -13.20 -16.10
C ASP C 97 -13.49 -12.83 -14.76
N LEU C 98 -14.79 -12.57 -14.78
CA LEU C 98 -15.59 -12.32 -13.58
C LEU C 98 -16.50 -13.47 -13.20
N TYR C 99 -16.39 -14.55 -13.95
CA TYR C 99 -17.41 -15.61 -13.89
C TYR C 99 -17.51 -16.36 -12.56
N LEU C 100 -18.68 -16.95 -12.34
CA LEU C 100 -19.02 -17.57 -11.05
C LEU C 100 -18.99 -16.57 -9.92
N ASN C 101 -19.95 -15.65 -9.91
CA ASN C 101 -20.16 -14.72 -8.80
C ASN C 101 -21.62 -14.33 -8.66
N SER C 102 -21.88 -13.35 -7.80
CA SER C 102 -23.21 -12.77 -7.62
C SER C 102 -23.52 -11.41 -8.29
N PHE C 103 -22.64 -10.96 -9.19
CA PHE C 103 -22.79 -9.68 -9.88
C PHE C 103 -24.16 -9.39 -10.45
N THR C 104 -24.63 -8.15 -10.29
CA THR C 104 -25.90 -7.74 -10.83
C THR C 104 -25.74 -6.53 -11.72
N GLY C 105 -26.78 -6.24 -12.49
CA GLY C 105 -26.78 -5.02 -13.26
C GLY C 105 -26.47 -5.26 -14.71
N PRO C 106 -26.24 -4.19 -15.46
CA PRO C 106 -26.06 -4.22 -16.91
C PRO C 106 -24.64 -4.64 -17.25
N ILE C 107 -24.44 -5.10 -18.47
CA ILE C 107 -23.10 -5.21 -19.01
C ILE C 107 -22.75 -3.89 -19.70
N PRO C 108 -21.84 -3.11 -19.09
CA PRO C 108 -21.43 -1.77 -19.47
C PRO C 108 -21.05 -1.64 -20.92
N ASP C 109 -21.58 -0.66 -21.65
CA ASP C 109 -21.20 -0.49 -23.05
C ASP C 109 -19.74 -0.13 -23.17
N SER C 110 -19.17 0.34 -22.07
CA SER C 110 -17.78 0.76 -22.04
C SER C 110 -16.86 -0.44 -22.25
N LEU C 111 -17.38 -1.63 -21.97
CA LEU C 111 -16.68 -2.89 -22.27
C LEU C 111 -16.39 -3.02 -23.74
N GLY C 112 -17.18 -2.35 -24.57
CA GLY C 112 -16.94 -2.36 -25.99
C GLY C 112 -15.67 -1.60 -26.36
N LYS C 113 -15.01 -1.07 -25.34
CA LYS C 113 -13.82 -0.25 -25.57
C LYS C 113 -12.52 -0.99 -25.40
N LEU C 114 -12.55 -2.30 -25.13
CA LEU C 114 -11.31 -3.06 -24.91
C LEU C 114 -10.96 -3.83 -26.17
N PHE C 115 -9.96 -3.33 -26.90
CA PHE C 115 -9.61 -3.85 -28.22
C PHE C 115 -8.42 -4.78 -28.26
N LYS C 116 -7.79 -4.99 -27.11
CA LYS C 116 -6.80 -6.05 -26.97
C LYS C 116 -7.46 -7.26 -26.35
N LEU C 117 -8.78 -7.17 -26.11
CA LEU C 117 -9.50 -8.20 -25.36
C LEU C 117 -9.70 -9.45 -26.19
N ARG C 118 -9.39 -10.58 -25.56
CA ARG C 118 -9.41 -11.92 -26.15
C ARG C 118 -10.45 -12.78 -25.44
N PHE C 119 -10.31 -12.90 -24.12
CA PHE C 119 -11.25 -13.67 -23.30
C PHE C 119 -12.20 -12.85 -22.43
N LEU C 120 -13.49 -13.08 -22.60
CA LEU C 120 -14.52 -12.46 -21.79
C LEU C 120 -15.46 -13.51 -21.21
N ARG C 121 -15.41 -13.70 -19.89
CA ARG C 121 -16.30 -14.64 -19.26
C ARG C 121 -17.00 -14.01 -18.08
N LEU C 122 -18.28 -13.74 -18.24
CA LEU C 122 -19.15 -13.34 -17.17
C LEU C 122 -20.06 -14.48 -16.69
N ASN C 123 -19.84 -15.67 -17.19
CA ASN C 123 -20.81 -16.72 -17.01
C ASN C 123 -21.09 -17.11 -15.55
N ASN C 124 -22.23 -17.75 -15.35
CA ASN C 124 -22.73 -18.13 -14.01
C ASN C 124 -22.74 -17.01 -12.96
N ASN C 125 -23.35 -15.88 -13.34
CA ASN C 125 -23.55 -14.69 -12.51
C ASN C 125 -25.03 -14.32 -12.49
N SER C 126 -25.34 -13.17 -11.88
CA SER C 126 -26.70 -12.63 -11.79
C SER C 126 -27.07 -11.50 -12.76
N LEU C 127 -26.18 -11.20 -13.71
CA LEU C 127 -26.31 -10.05 -14.65
C LEU C 127 -27.61 -9.95 -15.43
N THR C 128 -28.03 -8.71 -15.64
CA THR C 128 -29.28 -8.42 -16.33
C THR C 128 -29.03 -7.39 -17.41
N GLY C 129 -30.05 -7.15 -18.23
CA GLY C 129 -29.96 -6.15 -19.27
C GLY C 129 -29.56 -6.78 -20.59
N PRO C 130 -29.27 -5.94 -21.58
CA PRO C 130 -28.90 -6.40 -22.92
C PRO C 130 -27.41 -6.58 -23.11
N ILE C 131 -27.07 -7.15 -24.27
CA ILE C 131 -25.71 -7.47 -24.64
C ILE C 131 -25.25 -6.33 -25.52
N PRO C 132 -24.28 -5.54 -25.03
CA PRO C 132 -23.87 -4.30 -25.68
C PRO C 132 -23.24 -4.58 -27.02
N MET C 133 -23.62 -3.79 -28.03
CA MET C 133 -23.29 -4.09 -29.41
C MET C 133 -21.85 -3.77 -29.68
N SER C 134 -21.33 -2.84 -28.89
CA SER C 134 -19.98 -2.36 -29.10
C SER C 134 -19.01 -3.50 -28.84
N LEU C 135 -19.47 -4.49 -28.08
CA LEU C 135 -18.68 -5.70 -27.87
C LEU C 135 -18.24 -6.29 -29.21
N THR C 136 -19.08 -6.19 -30.23
CA THR C 136 -18.77 -6.75 -31.53
C THR C 136 -17.62 -6.03 -32.24
N ASN C 137 -17.18 -4.90 -31.70
CA ASN C 137 -16.07 -4.19 -32.31
C ASN C 137 -14.71 -4.69 -31.83
N ILE C 138 -14.70 -5.67 -30.94
CA ILE C 138 -13.44 -6.27 -30.51
C ILE C 138 -13.16 -7.50 -31.36
N MET C 139 -12.23 -7.39 -32.28
CA MET C 139 -12.04 -8.46 -33.26
C MET C 139 -10.94 -9.36 -32.77
N THR C 140 -10.39 -9.01 -31.62
CA THR C 140 -9.42 -9.86 -30.99
C THR C 140 -10.13 -10.90 -30.09
N LEU C 141 -11.43 -10.69 -29.89
CA LEU C 141 -12.23 -11.61 -29.08
C LEU C 141 -12.33 -13.06 -29.63
N GLN C 142 -11.95 -14.01 -28.77
CA GLN C 142 -11.86 -15.43 -29.10
C GLN C 142 -12.89 -16.22 -28.35
N VAL C 143 -12.89 -16.09 -27.04
CA VAL C 143 -13.84 -16.78 -26.16
C VAL C 143 -14.80 -15.87 -25.41
N LEU C 144 -16.08 -15.92 -25.75
CA LEU C 144 -17.04 -15.14 -25.00
C LEU C 144 -18.02 -16.06 -24.33
N ASP C 145 -18.04 -16.04 -23.00
CA ASP C 145 -19.10 -16.75 -22.31
C ASP C 145 -19.95 -15.87 -21.42
N LEU C 146 -21.16 -15.61 -21.90
CA LEU C 146 -22.19 -14.85 -21.19
C LEU C 146 -23.27 -15.75 -20.56
N SER C 147 -23.05 -17.06 -20.62
CA SER C 147 -24.08 -18.05 -20.27
C SER C 147 -24.46 -18.07 -18.80
N ASN C 148 -25.67 -18.56 -18.52
CA ASN C 148 -26.21 -18.59 -17.16
C ASN C 148 -26.36 -17.24 -16.48
N ASN C 149 -27.25 -16.40 -17.00
CA ASN C 149 -27.50 -15.10 -16.40
C ASN C 149 -28.97 -14.71 -16.52
N ARG C 150 -29.27 -13.48 -16.13
CA ARG C 150 -30.62 -12.99 -16.24
C ARG C 150 -30.83 -12.21 -17.54
N LEU C 151 -29.81 -12.21 -18.40
CA LEU C 151 -29.76 -11.29 -19.55
C LEU C 151 -31.02 -11.27 -20.38
N SER C 152 -31.49 -10.05 -20.63
CA SER C 152 -32.63 -9.82 -21.50
C SER C 152 -32.09 -9.23 -22.79
N GLY C 153 -32.66 -9.59 -23.92
CA GLY C 153 -32.20 -8.94 -25.11
C GLY C 153 -32.20 -9.73 -26.39
N SER C 154 -31.38 -9.26 -27.31
CA SER C 154 -31.23 -9.87 -28.59
C SER C 154 -29.76 -10.07 -28.77
N VAL C 155 -29.37 -11.20 -29.31
CA VAL C 155 -27.96 -11.49 -29.41
C VAL C 155 -27.41 -11.10 -30.77
N PRO C 156 -26.36 -10.29 -30.76
CA PRO C 156 -25.59 -9.93 -31.96
C PRO C 156 -24.96 -11.14 -32.67
N ASP C 157 -25.15 -11.20 -33.98
CA ASP C 157 -24.35 -12.11 -34.81
C ASP C 157 -23.21 -11.47 -35.63
N ASN C 158 -23.09 -10.14 -35.63
CA ASN C 158 -22.06 -9.49 -36.46
C ASN C 158 -20.74 -9.26 -35.73
N GLY C 159 -19.74 -8.79 -36.46
CA GLY C 159 -18.42 -8.63 -35.90
C GLY C 159 -17.83 -9.92 -35.34
N SER C 160 -17.20 -9.81 -34.18
CA SER C 160 -16.57 -10.97 -33.55
C SER C 160 -17.59 -12.03 -33.21
N PHE C 161 -18.78 -11.57 -32.85
CA PHE C 161 -19.89 -12.45 -32.55
C PHE C 161 -20.30 -13.36 -33.73
N SER C 162 -19.73 -13.12 -34.92
CA SER C 162 -19.83 -14.07 -36.02
C SER C 162 -19.47 -15.49 -35.59
N LEU C 163 -18.38 -15.63 -34.83
CA LEU C 163 -17.85 -16.96 -34.53
C LEU C 163 -18.50 -17.72 -33.35
N PHE C 164 -19.49 -17.13 -32.70
CA PHE C 164 -19.95 -17.70 -31.44
C PHE C 164 -21.15 -18.65 -31.47
N THR C 165 -20.93 -19.91 -31.10
CA THR C 165 -22.02 -20.86 -30.93
C THR C 165 -22.82 -20.49 -29.69
N PRO C 166 -24.09 -20.96 -29.61
CA PRO C 166 -25.04 -20.71 -28.51
C PRO C 166 -24.54 -21.09 -27.14
N ILE C 167 -23.52 -21.94 -27.06
CA ILE C 167 -23.06 -22.40 -25.76
C ILE C 167 -22.51 -21.19 -25.00
N SER C 168 -22.22 -20.12 -25.75
CA SER C 168 -21.72 -18.86 -25.20
C SER C 168 -22.83 -18.10 -24.45
N PHE C 169 -24.00 -18.01 -25.07
CA PHE C 169 -25.11 -17.24 -24.52
C PHE C 169 -26.19 -18.06 -23.80
N ALA C 170 -25.95 -19.36 -23.60
CA ALA C 170 -27.02 -20.27 -23.15
C ALA C 170 -27.66 -20.03 -21.76
N ASN C 171 -28.94 -20.39 -21.65
CA ASN C 171 -29.68 -20.29 -20.39
C ASN C 171 -29.84 -18.90 -19.78
N ASN C 172 -30.67 -18.08 -20.41
CA ASN C 172 -30.98 -16.76 -19.87
C ASN C 172 -32.46 -16.49 -19.79
N LEU C 173 -32.76 -15.24 -19.46
CA LEU C 173 -34.11 -14.70 -19.51
C LEU C 173 -34.40 -14.53 -21.00
N ASP C 174 -35.44 -13.78 -21.34
CA ASP C 174 -35.68 -13.59 -22.75
C ASP C 174 -34.41 -13.04 -23.44
N LEU C 175 -33.94 -13.79 -24.43
CA LEU C 175 -32.84 -13.43 -25.30
C LEU C 175 -33.27 -13.88 -26.69
N CYS C 176 -33.16 -13.02 -27.69
CA CYS C 176 -33.62 -13.42 -29.02
C CYS C 176 -32.55 -13.31 -30.09
N GLY C 177 -32.52 -14.26 -31.03
CA GLY C 177 -31.60 -14.16 -32.15
C GLY C 177 -31.34 -15.46 -32.90
N PRO C 178 -30.69 -15.37 -34.07
CA PRO C 178 -30.24 -16.50 -34.90
C PRO C 178 -29.04 -17.18 -34.27
N VAL C 179 -28.35 -16.47 -33.39
CA VAL C 179 -27.25 -17.03 -32.60
C VAL C 179 -27.85 -17.92 -31.53
N THR C 180 -29.17 -17.81 -31.37
CA THR C 180 -29.96 -18.50 -30.36
C THR C 180 -31.13 -19.26 -31.00
N SER C 181 -32.04 -19.75 -30.17
CA SER C 181 -33.22 -20.47 -30.66
C SER C 181 -34.37 -19.57 -31.18
N ARG C 182 -34.74 -18.57 -30.40
CA ARG C 182 -35.99 -17.83 -30.60
C ARG C 182 -35.85 -16.39 -31.09
N PRO C 183 -36.23 -16.12 -32.35
CA PRO C 183 -36.25 -14.78 -32.96
C PRO C 183 -37.24 -13.76 -32.34
N CYS C 184 -37.22 -12.54 -32.87
CA CYS C 184 -37.82 -11.39 -32.18
C CYS C 184 -38.36 -10.35 -33.18
N PRO C 185 -39.01 -9.26 -32.68
CA PRO C 185 -39.53 -8.14 -33.48
C PRO C 185 -38.76 -7.75 -34.75
#